data_6EAZ
#
_entry.id   6EAZ
#
_cell.length_a   112.562
_cell.length_b   125.524
_cell.length_c   72.145
_cell.angle_alpha   90.00
_cell.angle_beta   90.00
_cell.angle_gamma   90.00
#
_symmetry.space_group_name_H-M   'P 21 21 2'
#
loop_
_entity.id
_entity.type
_entity.pdbx_description
1 polymer 'Calcium uptake protein 2, mitochondrial'
2 non-polymer GLYCEROL
3 water water
#
_entity_poly.entity_id   1
_entity_poly.type   'polypeptide(L)'
_entity_poly.pdbx_seq_one_letter_code
;MGSSHHHHHHSQDPSAQKNYLGPIEKLSLRKQRFMQFSSLEHDGEYYMTPRDFLFSVMFEQVERKTLVKKLAKKDIEDVL
SGIQTARCGSTFFRDLGDKGVISYTEYLFLLTILTKPHSGFHVAFKMLDVDGNEMIERKEFVKLQKIISKQDGFKTVKTN
ETEYQDPTVKEPGVNTTLQVRFFGKRGEKKLHYKEFRRFMENLQTEVQEMEFLQFSKGLNFMRKEDFAEWLLFFTNTENK
DIYWRNVREKLSVGESISLDEFKSFCHFTTHLEDFAIAMQMFSLAHRPVRLAEFKRAVKVATGQELSDNLLDTVFKIFDL
DGDECLSHGEFLGVLKNRMHRGLWVSQQQSVQEYWKCVKKESIKGVKEAWRQQAGKGPF
;
_entity_poly.pdbx_strand_id   A,B
#
# COMPACT_ATOMS: atom_id res chain seq x y z
N TYR A 20 -14.35 7.71 -13.71
CA TYR A 20 -14.72 7.05 -14.95
C TYR A 20 -16.15 6.49 -14.92
N LEU A 21 -16.37 5.32 -15.53
CA LEU A 21 -17.69 4.71 -15.62
C LEU A 21 -17.56 3.23 -15.22
N GLY A 22 -17.32 3.01 -13.93
CA GLY A 22 -17.17 1.69 -13.36
C GLY A 22 -16.03 1.58 -12.38
N PRO A 23 -16.14 0.66 -11.43
CA PRO A 23 -14.96 0.24 -10.65
C PRO A 23 -14.14 -0.77 -11.43
N ILE A 24 -12.83 -0.73 -11.20
CA ILE A 24 -11.87 -1.55 -11.95
C ILE A 24 -11.40 -2.69 -11.04
N GLU A 25 -11.81 -3.91 -11.38
CA GLU A 25 -11.36 -5.12 -10.71
C GLU A 25 -10.11 -5.69 -11.40
N LYS A 26 -9.10 -6.04 -10.59
CA LYS A 26 -7.89 -6.69 -11.08
C LYS A 26 -8.14 -8.20 -11.10
N LEU A 27 -8.30 -8.75 -12.31
CA LEU A 27 -8.63 -10.16 -12.50
C LEU A 27 -7.36 -10.99 -12.62
N SER A 28 -7.32 -12.09 -11.87
CA SER A 28 -6.11 -12.89 -11.72
C SER A 28 -6.05 -13.94 -12.82
N LEU A 29 -4.95 -13.95 -13.57
CA LEU A 29 -4.63 -14.97 -14.55
C LEU A 29 -3.62 -15.97 -14.04
N ARG A 30 -3.35 -15.94 -12.74
CA ARG A 30 -2.32 -16.83 -12.21
C ARG A 30 -2.62 -18.29 -12.48
N LYS A 31 -3.87 -18.72 -12.26
CA LYS A 31 -4.22 -20.11 -12.52
C LYS A 31 -4.13 -20.43 -14.01
N GLN A 32 -4.57 -19.51 -14.86
CA GLN A 32 -4.44 -19.71 -16.30
C GLN A 32 -2.98 -19.97 -16.68
N ARG A 33 -2.07 -19.13 -16.16
CA ARG A 33 -0.66 -19.32 -16.44
C ARG A 33 -0.17 -20.69 -15.96
N PHE A 34 -0.59 -21.08 -14.75
CA PHE A 34 -0.20 -22.37 -14.21
C PHE A 34 -0.66 -23.52 -15.12
N MET A 35 -1.91 -23.46 -15.58
CA MET A 35 -2.40 -24.54 -16.42
C MET A 35 -1.71 -24.53 -17.77
N GLN A 36 -1.28 -23.36 -18.23
CA GLN A 36 -0.57 -23.29 -19.50
C GLN A 36 0.81 -23.93 -19.41
N PHE A 37 1.48 -23.83 -18.27
CA PHE A 37 2.87 -24.30 -18.19
C PHE A 37 3.09 -25.57 -17.39
N SER A 38 2.12 -26.06 -16.64
CA SER A 38 2.33 -27.27 -15.85
C SER A 38 2.42 -28.48 -16.77
N SER A 39 3.43 -29.34 -16.55
CA SER A 39 3.64 -30.48 -17.43
C SER A 39 3.38 -31.83 -16.79
N LEU A 40 3.11 -31.90 -15.49
CA LEU A 40 2.83 -33.15 -14.81
C LEU A 40 1.38 -33.16 -14.34
N GLU A 41 0.76 -34.34 -14.33
CA GLU A 41 -0.49 -34.54 -13.62
C GLU A 41 -0.40 -35.85 -12.87
N HIS A 42 -1.02 -35.88 -11.70
CA HIS A 42 -1.10 -37.12 -10.92
C HIS A 42 -2.37 -37.04 -10.10
N ASP A 43 -3.35 -37.87 -10.46
CA ASP A 43 -4.60 -38.00 -9.73
C ASP A 43 -5.39 -36.68 -9.75
N GLY A 44 -5.68 -36.22 -10.97
CA GLY A 44 -6.50 -35.03 -11.14
C GLY A 44 -5.93 -33.74 -10.58
N GLU A 45 -4.67 -33.73 -10.20
CA GLU A 45 -3.99 -32.52 -9.75
C GLU A 45 -2.77 -32.27 -10.64
N TYR A 46 -2.59 -31.02 -11.04
CA TYR A 46 -1.51 -30.64 -11.94
C TYR A 46 -0.33 -30.08 -11.16
N TYR A 47 0.85 -30.19 -11.75
CA TYR A 47 2.08 -29.78 -11.09
C TYR A 47 3.08 -29.25 -12.11
N MET A 48 3.93 -28.34 -11.64
CA MET A 48 5.05 -27.80 -12.40
C MET A 48 6.35 -28.47 -12.00
N THR A 49 7.24 -28.65 -12.97
CA THR A 49 8.65 -28.83 -12.69
C THR A 49 9.29 -27.47 -12.47
N PRO A 50 10.49 -27.42 -11.88
CA PRO A 50 11.18 -26.11 -11.73
C PRO A 50 11.31 -25.35 -13.04
N ARG A 51 11.49 -26.08 -14.15
CA ARG A 51 11.66 -25.47 -15.46
C ARG A 51 10.36 -24.85 -15.96
N ASP A 52 9.25 -25.59 -15.82
CA ASP A 52 7.94 -24.98 -16.04
C ASP A 52 7.78 -23.69 -15.24
N PHE A 53 8.24 -23.68 -13.99
CA PHE A 53 8.03 -22.51 -13.16
C PHE A 53 8.81 -21.31 -13.72
N LEU A 54 10.09 -21.51 -14.04
CA LEU A 54 10.92 -20.39 -14.54
C LEU A 54 10.35 -19.84 -15.85
N PHE A 55 9.95 -20.72 -16.76
CA PHE A 55 9.43 -20.18 -18.01
C PHE A 55 8.06 -19.57 -17.84
N SER A 56 7.26 -20.03 -16.86
CA SER A 56 5.96 -19.41 -16.62
C SER A 56 6.11 -18.01 -16.07
N VAL A 57 7.11 -17.77 -15.23
CA VAL A 57 7.29 -16.40 -14.77
C VAL A 57 7.87 -15.52 -15.85
N MET A 58 8.56 -16.09 -16.86
CA MET A 58 9.11 -15.23 -17.91
C MET A 58 8.19 -15.04 -19.12
N PHE A 59 7.30 -15.98 -19.43
CA PHE A 59 6.55 -15.90 -20.69
C PHE A 59 5.07 -16.16 -20.45
N GLU A 60 4.25 -15.73 -21.41
CA GLU A 60 2.82 -15.99 -21.34
C GLU A 60 2.46 -17.35 -21.93
N GLN A 61 3.08 -17.73 -23.03
CA GLN A 61 2.70 -18.91 -23.78
C GLN A 61 3.87 -19.89 -23.83
N VAL A 62 3.52 -21.20 -23.92
CA VAL A 62 4.48 -22.31 -23.91
C VAL A 62 4.98 -22.56 -25.33
N GLU A 63 6.24 -22.98 -25.45
CA GLU A 63 6.86 -23.08 -26.78
C GLU A 63 6.36 -24.31 -27.55
N ARG A 64 6.37 -25.48 -26.91
CA ARG A 64 5.77 -26.68 -27.48
C ARG A 64 4.61 -27.12 -26.61
N LYS A 65 3.40 -27.08 -27.16
CA LYS A 65 2.24 -27.59 -26.44
C LYS A 65 2.37 -29.09 -26.27
N THR A 66 3.34 -29.54 -25.47
CA THR A 66 3.52 -30.97 -25.22
C THR A 66 2.49 -31.45 -24.21
N LEU A 67 2.01 -32.69 -24.42
CA LEU A 67 0.91 -33.23 -23.63
C LEU A 67 1.36 -33.56 -22.20
N VAL A 68 0.45 -33.36 -21.26
CA VAL A 68 0.79 -33.44 -19.84
C VAL A 68 1.10 -34.89 -19.46
N LYS A 69 2.32 -35.11 -18.96
CA LYS A 69 2.69 -36.40 -18.39
C LYS A 69 1.78 -36.78 -17.23
N LYS A 70 1.16 -37.96 -17.32
CA LYS A 70 0.33 -38.48 -16.23
C LYS A 70 1.15 -39.48 -15.42
N LEU A 71 1.40 -39.15 -14.16
CA LEU A 71 2.35 -39.87 -13.34
C LEU A 71 1.66 -40.68 -12.26
N ALA A 72 2.35 -41.72 -11.80
CA ALA A 72 1.89 -42.56 -10.71
C ALA A 72 2.64 -42.19 -9.44
N LYS A 73 2.04 -42.55 -8.29
CA LYS A 73 2.64 -42.26 -6.99
C LYS A 73 4.14 -42.51 -6.96
N LYS A 74 4.55 -43.71 -7.40
CA LYS A 74 5.97 -44.03 -7.45
C LYS A 74 6.73 -43.09 -8.39
N ASP A 75 6.18 -42.83 -9.58
CA ASP A 75 6.84 -41.94 -10.54
C ASP A 75 7.08 -40.55 -9.94
N ILE A 76 6.02 -39.93 -9.42
CA ILE A 76 6.18 -38.61 -8.85
C ILE A 76 7.14 -38.63 -7.66
N GLU A 77 7.20 -39.75 -6.92
CA GLU A 77 8.21 -39.84 -5.88
C GLU A 77 9.61 -39.83 -6.49
N ASP A 78 9.76 -40.45 -7.66
CA ASP A 78 11.08 -40.57 -8.29
C ASP A 78 11.56 -39.25 -8.87
N VAL A 79 10.64 -38.41 -9.35
CA VAL A 79 11.02 -37.12 -9.93
C VAL A 79 11.95 -36.35 -8.99
N LEU A 80 11.58 -36.20 -7.73
CA LEU A 80 12.43 -35.43 -6.82
C LEU A 80 13.39 -36.31 -6.02
N SER A 81 13.47 -37.61 -6.34
CA SER A 81 14.30 -38.53 -5.56
C SER A 81 15.78 -38.16 -5.67
N GLY A 82 16.36 -38.36 -6.86
CA GLY A 82 17.78 -38.17 -7.06
C GLY A 82 18.21 -36.72 -7.14
N ILE A 83 17.67 -35.88 -6.28
CA ILE A 83 18.11 -34.49 -6.23
C ILE A 83 19.18 -34.38 -5.14
N GLN A 84 19.20 -33.25 -4.41
CA GLN A 84 20.23 -32.87 -3.43
C GLN A 84 21.49 -32.42 -4.16
N THR A 85 21.55 -32.71 -5.47
CA THR A 85 22.64 -32.28 -6.34
C THR A 85 22.62 -30.77 -6.59
N ALA A 86 21.49 -30.11 -6.33
CA ALA A 86 21.34 -28.70 -6.69
C ALA A 86 22.10 -27.80 -5.73
N ARG A 87 22.82 -26.82 -6.28
CA ARG A 87 23.43 -25.74 -5.51
C ARG A 87 22.34 -24.85 -4.91
N CYS A 88 22.16 -24.90 -3.58
CA CYS A 88 21.02 -24.28 -2.91
C CYS A 88 21.14 -22.76 -2.78
N GLY A 89 21.80 -22.11 -3.74
CA GLY A 89 21.81 -20.66 -3.82
C GLY A 89 20.94 -20.16 -4.95
N SER A 90 21.48 -19.30 -5.81
CA SER A 90 20.68 -18.72 -6.89
C SER A 90 20.68 -19.55 -8.18
N THR A 91 21.34 -20.70 -8.24
CA THR A 91 21.09 -21.61 -9.35
C THR A 91 20.22 -22.79 -8.93
N PHE A 92 19.49 -22.67 -7.82
CA PHE A 92 18.68 -23.76 -7.29
C PHE A 92 17.69 -24.31 -8.32
N PHE A 93 16.83 -23.44 -8.87
CA PHE A 93 15.80 -23.90 -9.81
C PHE A 93 16.37 -24.31 -11.16
N ARG A 94 17.30 -23.51 -11.71
CA ARG A 94 17.94 -23.84 -12.97
C ARG A 94 18.59 -25.22 -12.94
N ASP A 95 19.32 -25.50 -11.86
CA ASP A 95 20.09 -26.73 -11.79
C ASP A 95 19.20 -27.96 -11.80
N LEU A 96 17.99 -27.88 -11.24
CA LEU A 96 17.12 -29.04 -11.19
C LEU A 96 16.59 -29.44 -12.57
N GLY A 97 16.55 -28.53 -13.52
CA GLY A 97 15.92 -28.87 -14.79
C GLY A 97 14.47 -29.23 -14.53
N ASP A 98 14.05 -30.39 -15.03
CA ASP A 98 12.71 -30.90 -14.78
C ASP A 98 12.61 -31.75 -13.52
N LYS A 99 13.73 -32.04 -12.86
CA LYS A 99 13.73 -32.93 -11.70
C LYS A 99 13.21 -32.20 -10.46
N GLY A 100 11.91 -31.89 -10.50
CA GLY A 100 11.24 -31.41 -9.30
C GLY A 100 9.76 -31.28 -9.53
N VAL A 101 9.05 -31.03 -8.43
CA VAL A 101 7.60 -30.91 -8.41
C VAL A 101 7.19 -29.70 -7.58
N ILE A 102 6.23 -28.93 -8.09
CA ILE A 102 5.76 -27.68 -7.49
C ILE A 102 4.24 -27.65 -7.56
N SER A 103 3.57 -27.51 -6.40
CA SER A 103 2.12 -27.48 -6.41
C SER A 103 1.59 -26.10 -6.78
N TYR A 104 0.29 -26.04 -7.05
CA TYR A 104 -0.36 -24.78 -7.40
C TYR A 104 -0.26 -23.74 -6.27
N THR A 105 -0.49 -24.15 -5.02
CA THR A 105 -0.40 -23.17 -3.94
C THR A 105 1.04 -22.72 -3.76
N GLU A 106 1.99 -23.66 -3.89
CA GLU A 106 3.41 -23.26 -3.88
C GLU A 106 3.70 -22.29 -5.02
N TYR A 107 3.10 -22.53 -6.18
CA TYR A 107 3.26 -21.60 -7.30
C TYR A 107 2.76 -20.20 -6.94
N LEU A 108 1.57 -20.09 -6.37
CA LEU A 108 1.05 -18.76 -6.05
C LEU A 108 1.97 -18.05 -5.04
N PHE A 109 2.44 -18.78 -4.03
CA PHE A 109 3.48 -18.32 -3.11
C PHE A 109 4.70 -17.77 -3.86
N LEU A 110 5.25 -18.55 -4.80
CA LEU A 110 6.44 -18.10 -5.53
C LEU A 110 6.14 -16.87 -6.38
N LEU A 111 4.98 -16.84 -7.01
CA LEU A 111 4.58 -15.65 -7.77
C LEU A 111 4.54 -14.42 -6.87
N THR A 112 3.94 -14.55 -5.68
CA THR A 112 3.84 -13.40 -4.78
C THR A 112 5.23 -12.93 -4.37
N ILE A 113 6.16 -13.86 -4.13
CA ILE A 113 7.52 -13.44 -3.80
C ILE A 113 8.14 -12.66 -4.96
N LEU A 114 7.83 -13.03 -6.20
CA LEU A 114 8.45 -12.29 -7.30
C LEU A 114 7.80 -10.93 -7.54
N THR A 115 6.48 -10.83 -7.42
CA THR A 115 5.75 -9.59 -7.68
C THR A 115 5.61 -8.70 -6.47
N LYS A 116 6.16 -9.11 -5.32
CA LYS A 116 6.21 -8.28 -4.11
C LYS A 116 7.63 -8.39 -3.57
N PRO A 117 8.62 -7.87 -4.30
CA PRO A 117 10.02 -8.16 -3.94
C PRO A 117 10.46 -7.48 -2.66
N HIS A 118 9.77 -6.43 -2.22
CA HIS A 118 10.18 -5.75 -1.00
C HIS A 118 9.53 -6.32 0.24
N SER A 119 8.53 -7.20 0.08
CA SER A 119 7.82 -7.76 1.22
C SER A 119 8.66 -8.81 1.93
N GLY A 120 8.58 -8.82 3.25
CA GLY A 120 9.27 -9.81 4.07
C GLY A 120 8.30 -10.79 4.73
N PHE A 121 6.99 -10.51 4.62
CA PHE A 121 5.96 -11.37 5.19
C PHE A 121 6.26 -11.80 6.62
N HIS A 122 6.80 -10.89 7.43
CA HIS A 122 7.14 -11.28 8.80
C HIS A 122 5.89 -11.54 9.63
N VAL A 123 4.78 -10.89 9.30
CA VAL A 123 3.60 -11.09 10.13
C VAL A 123 3.09 -12.51 9.97
N ALA A 124 3.00 -12.97 8.72
CA ALA A 124 2.55 -14.34 8.47
C ALA A 124 3.48 -15.36 9.10
N PHE A 125 4.79 -15.17 8.92
CA PHE A 125 5.72 -16.11 9.54
C PHE A 125 5.49 -16.16 11.03
N LYS A 126 5.58 -15.01 11.72
CA LYS A 126 5.43 -14.99 13.17
C LYS A 126 4.09 -15.58 13.62
N MET A 127 3.00 -15.30 12.90
CA MET A 127 1.72 -15.93 13.24
C MET A 127 1.76 -17.44 13.13
N LEU A 128 2.62 -17.99 12.27
CA LEU A 128 2.76 -19.44 12.21
C LEU A 128 3.87 -19.96 13.12
N ASP A 129 4.59 -19.08 13.79
CA ASP A 129 5.70 -19.45 14.67
C ASP A 129 5.18 -19.67 16.10
N VAL A 130 4.46 -20.78 16.27
CA VAL A 130 3.69 -20.94 17.50
C VAL A 130 4.61 -21.02 18.71
N ASP A 131 5.74 -21.72 18.59
CA ASP A 131 6.69 -21.83 19.68
C ASP A 131 7.54 -20.57 19.85
N GLY A 132 7.37 -19.57 18.98
CA GLY A 132 8.20 -18.39 19.01
C GLY A 132 9.69 -18.69 18.98
N ASN A 133 10.15 -19.45 17.98
CA ASN A 133 11.57 -19.72 17.79
C ASN A 133 12.10 -19.24 16.45
N GLU A 134 11.32 -18.43 15.72
CA GLU A 134 11.65 -17.97 14.38
C GLU A 134 11.67 -19.12 13.37
N MET A 135 10.88 -20.16 13.64
CA MET A 135 10.79 -21.32 12.76
C MET A 135 9.34 -21.73 12.62
N ILE A 136 9.02 -22.38 11.51
CA ILE A 136 7.71 -22.96 11.32
C ILE A 136 7.90 -24.42 10.96
N GLU A 137 6.82 -25.17 11.08
CA GLU A 137 6.81 -26.60 10.78
C GLU A 137 6.14 -26.85 9.43
N ARG A 138 6.47 -28.00 8.83
CA ARG A 138 5.88 -28.42 7.56
C ARG A 138 4.36 -28.25 7.53
N LYS A 139 3.69 -28.49 8.67
CA LYS A 139 2.23 -28.38 8.73
C LYS A 139 1.76 -26.95 8.45
N GLU A 140 2.60 -25.96 8.73
CA GLU A 140 2.23 -24.56 8.53
C GLU A 140 2.48 -24.05 7.12
N PHE A 141 3.22 -24.81 6.31
CA PHE A 141 3.73 -24.30 5.03
C PHE A 141 2.60 -23.87 4.12
N VAL A 142 1.55 -24.69 3.99
CA VAL A 142 0.48 -24.35 3.07
C VAL A 142 -0.29 -23.13 3.57
N LYS A 143 -0.45 -22.99 4.89
CA LYS A 143 -1.07 -21.78 5.43
C LYS A 143 -0.25 -20.54 5.10
N LEU A 144 1.07 -20.63 5.27
CA LEU A 144 1.94 -19.54 4.86
C LEU A 144 1.73 -19.20 3.40
N GLN A 145 1.64 -20.22 2.54
CA GLN A 145 1.45 -20.02 1.12
C GLN A 145 0.12 -19.31 0.83
N LYS A 146 -0.94 -19.73 1.49
CA LYS A 146 -2.25 -19.16 1.20
C LYS A 146 -2.39 -17.73 1.74
N ILE A 147 -1.81 -17.41 2.90
CA ILE A 147 -1.90 -16.04 3.37
C ILE A 147 -1.02 -15.11 2.51
N ILE A 148 0.21 -15.54 2.18
CA ILE A 148 1.12 -14.66 1.44
C ILE A 148 0.50 -14.27 0.10
N SER A 149 -0.18 -15.20 -0.54
CA SER A 149 -0.62 -15.00 -1.92
C SER A 149 -2.08 -14.61 -2.03
N LYS A 150 -2.71 -14.15 -0.94
CA LYS A 150 -4.08 -13.70 -1.07
C LYS A 150 -4.09 -12.23 -1.46
N GLN A 151 -5.12 -11.83 -2.19
CA GLN A 151 -5.15 -10.50 -2.79
C GLN A 151 -6.39 -9.69 -2.35
N PRO A 172 -2.89 -35.15 3.86
CA PRO A 172 -2.10 -35.87 2.86
C PRO A 172 -1.37 -34.92 1.88
N GLY A 173 -1.27 -35.29 0.61
CA GLY A 173 -0.59 -34.46 -0.38
C GLY A 173 0.79 -34.98 -0.72
N VAL A 174 1.15 -34.94 -2.01
CA VAL A 174 2.43 -35.51 -2.46
C VAL A 174 3.59 -34.64 -1.97
N ASN A 175 4.77 -35.25 -1.92
CA ASN A 175 5.96 -34.51 -1.56
C ASN A 175 6.37 -33.58 -2.70
N THR A 176 7.05 -32.48 -2.35
CA THR A 176 7.38 -31.47 -3.35
C THR A 176 8.77 -30.92 -3.09
N THR A 177 9.30 -30.25 -4.12
CA THR A 177 10.66 -29.72 -4.04
C THR A 177 10.81 -28.75 -2.87
N LEU A 178 9.86 -27.82 -2.73
CA LEU A 178 9.94 -26.86 -1.63
C LEU A 178 9.82 -27.54 -0.27
N GLN A 179 8.91 -28.52 -0.16
CA GLN A 179 8.77 -29.22 1.12
C GLN A 179 10.08 -29.89 1.52
N VAL A 180 10.73 -30.58 0.56
CA VAL A 180 11.98 -31.27 0.85
C VAL A 180 13.06 -30.28 1.23
N ARG A 181 13.17 -29.18 0.48
CA ARG A 181 14.25 -28.22 0.76
C ARG A 181 14.09 -27.58 2.13
N PHE A 182 12.88 -27.11 2.44
CA PHE A 182 12.71 -26.36 3.69
C PHE A 182 12.64 -27.27 4.91
N PHE A 183 11.93 -28.39 4.79
CA PHE A 183 11.56 -29.21 5.93
C PHE A 183 12.20 -30.60 5.92
N GLY A 184 13.24 -30.81 5.10
CA GLY A 184 13.87 -32.10 4.98
C GLY A 184 12.97 -33.14 4.30
N LYS A 185 13.55 -34.35 4.15
CA LYS A 185 12.98 -35.37 3.27
C LYS A 185 11.69 -35.98 3.82
N ARG A 186 11.61 -36.19 5.15
CA ARG A 186 10.40 -36.73 5.78
C ARG A 186 9.78 -35.76 6.78
N GLY A 187 10.01 -34.46 6.59
CA GLY A 187 9.31 -33.44 7.36
C GLY A 187 9.79 -33.27 8.77
N GLU A 188 11.11 -33.34 8.98
CA GLU A 188 11.74 -33.35 10.29
C GLU A 188 12.28 -31.99 10.72
N LYS A 189 13.05 -31.33 9.85
CA LYS A 189 13.59 -30.02 10.15
C LYS A 189 12.52 -28.95 9.94
N LYS A 190 12.83 -27.75 10.39
CA LYS A 190 11.88 -26.66 10.32
C LYS A 190 12.51 -25.47 9.62
N LEU A 191 11.65 -24.67 9.00
CA LEU A 191 12.09 -23.54 8.19
C LEU A 191 12.30 -22.33 9.11
N HIS A 192 13.56 -21.96 9.28
CA HIS A 192 13.89 -20.76 10.03
C HIS A 192 13.66 -19.53 9.17
N TYR A 193 13.33 -18.40 9.81
CA TYR A 193 12.94 -17.25 9.02
C TYR A 193 14.08 -16.73 8.17
N LYS A 194 15.31 -16.72 8.70
CA LYS A 194 16.43 -16.17 7.93
C LYS A 194 16.72 -17.03 6.71
N GLU A 195 16.47 -18.35 6.80
CA GLU A 195 16.58 -19.22 5.63
C GLU A 195 15.51 -18.88 4.60
N PHE A 196 14.31 -18.56 5.06
CA PHE A 196 13.24 -18.15 4.15
C PHE A 196 13.58 -16.83 3.47
N ARG A 197 14.21 -15.91 4.20
CA ARG A 197 14.62 -14.63 3.61
C ARG A 197 15.68 -14.85 2.53
N ARG A 198 16.67 -15.69 2.83
CA ARG A 198 17.71 -16.03 1.87
C ARG A 198 17.13 -16.71 0.63
N PHE A 199 16.15 -17.60 0.82
CA PHE A 199 15.49 -18.23 -0.32
C PHE A 199 14.81 -17.21 -1.21
N MET A 200 14.09 -16.26 -0.62
CA MET A 200 13.47 -15.20 -1.43
C MET A 200 14.51 -14.38 -2.20
N GLU A 201 15.66 -14.08 -1.56
CA GLU A 201 16.70 -13.31 -2.24
C GLU A 201 17.26 -14.10 -3.42
N ASN A 202 17.62 -15.37 -3.17
CA ASN A 202 18.12 -16.22 -4.25
C ASN A 202 17.10 -16.36 -5.36
N LEU A 203 15.80 -16.36 -5.02
CA LEU A 203 14.81 -16.50 -6.08
C LEU A 203 14.77 -15.26 -6.96
N GLN A 204 14.77 -14.07 -6.35
CA GLN A 204 14.84 -12.85 -7.14
C GLN A 204 16.05 -12.87 -8.07
N THR A 205 17.22 -13.19 -7.50
CA THR A 205 18.44 -13.21 -8.29
C THR A 205 18.31 -14.16 -9.47
N GLU A 206 17.80 -15.36 -9.19
CA GLU A 206 17.75 -16.40 -10.21
C GLU A 206 16.81 -16.03 -11.33
N VAL A 207 15.68 -15.38 -11.02
CA VAL A 207 14.85 -14.93 -12.13
C VAL A 207 15.59 -13.89 -12.95
N GLN A 208 16.31 -12.97 -12.28
CA GLN A 208 17.05 -11.96 -13.03
C GLN A 208 18.03 -12.60 -14.01
N GLU A 209 18.86 -13.50 -13.50
CA GLU A 209 19.88 -14.16 -14.31
C GLU A 209 19.30 -15.07 -15.39
N MET A 210 18.15 -15.69 -15.14
CA MET A 210 17.54 -16.55 -16.15
C MET A 210 16.88 -15.74 -17.26
N GLU A 211 16.20 -14.62 -16.91
CA GLU A 211 15.70 -13.71 -17.92
C GLU A 211 16.85 -13.13 -18.74
N PHE A 212 17.98 -12.88 -18.09
CA PHE A 212 19.12 -12.38 -18.83
C PHE A 212 19.59 -13.41 -19.84
N LEU A 213 19.69 -14.68 -19.41
CA LEU A 213 20.11 -15.73 -20.35
C LEU A 213 19.13 -15.91 -21.51
N GLN A 214 17.83 -15.79 -21.25
CA GLN A 214 16.90 -15.94 -22.36
C GLN A 214 17.05 -14.81 -23.37
N PHE A 215 17.23 -13.58 -22.91
CA PHE A 215 17.20 -12.49 -23.88
C PHE A 215 18.56 -12.21 -24.48
N SER A 216 19.64 -12.71 -23.87
CA SER A 216 20.96 -12.61 -24.45
C SER A 216 21.29 -13.79 -25.35
N LYS A 217 20.35 -14.72 -25.54
CA LYS A 217 20.58 -15.98 -26.25
C LYS A 217 21.85 -16.65 -25.72
N GLY A 218 21.93 -16.71 -24.39
CA GLY A 218 23.03 -17.30 -23.63
C GLY A 218 24.37 -16.61 -23.76
N LEU A 219 24.48 -15.63 -24.66
CA LEU A 219 25.74 -15.28 -25.32
C LEU A 219 26.47 -14.12 -24.64
N ASN A 220 26.22 -13.88 -23.35
CA ASN A 220 27.11 -13.18 -22.41
C ASN A 220 26.99 -11.64 -22.46
N PHE A 221 26.31 -11.07 -23.45
CA PHE A 221 25.89 -9.68 -23.39
C PHE A 221 24.53 -9.62 -24.04
N MET A 222 23.80 -8.55 -23.81
CA MET A 222 22.46 -8.40 -24.35
C MET A 222 22.42 -7.20 -25.28
N ARG A 223 22.09 -7.44 -26.54
CA ARG A 223 21.86 -6.34 -27.45
C ARG A 223 20.78 -5.44 -26.89
N LYS A 224 20.93 -4.13 -27.09
CA LYS A 224 19.89 -3.22 -26.68
C LYS A 224 18.56 -3.48 -27.39
N GLU A 225 18.60 -4.02 -28.61
CA GLU A 225 17.38 -4.49 -29.26
C GLU A 225 16.67 -5.50 -28.38
N ASP A 226 17.43 -6.41 -27.78
CA ASP A 226 16.85 -7.49 -26.98
C ASP A 226 16.44 -7.00 -25.60
N PHE A 227 17.19 -6.08 -25.02
CA PHE A 227 16.78 -5.43 -23.78
C PHE A 227 15.44 -4.73 -23.95
N ALA A 228 15.26 -4.00 -25.05
CA ALA A 228 13.94 -3.44 -25.34
C ALA A 228 12.90 -4.53 -25.48
N GLU A 229 13.20 -5.59 -26.23
CA GLU A 229 12.25 -6.70 -26.34
C GLU A 229 11.79 -7.15 -24.96
N TRP A 230 12.74 -7.33 -24.04
CA TRP A 230 12.40 -7.73 -22.69
C TRP A 230 11.55 -6.67 -21.99
N LEU A 231 11.98 -5.41 -22.07
CA LEU A 231 11.29 -4.34 -21.36
C LEU A 231 9.82 -4.23 -21.77
N LEU A 232 9.52 -4.39 -23.07
CA LEU A 232 8.17 -4.23 -23.59
C LEU A 232 7.40 -5.54 -23.66
N PHE A 233 7.88 -6.59 -22.98
CA PHE A 233 7.31 -7.91 -23.21
C PHE A 233 5.86 -8.02 -22.75
N PHE A 234 5.53 -7.47 -21.60
CA PHE A 234 4.15 -7.57 -21.10
C PHE A 234 3.33 -6.33 -21.44
N THR A 235 3.74 -5.57 -22.45
CA THR A 235 3.11 -4.33 -22.91
C THR A 235 2.57 -4.57 -24.31
N ASN A 236 1.40 -5.17 -24.41
CA ASN A 236 0.84 -5.48 -25.71
C ASN A 236 -0.02 -4.34 -26.25
N THR A 237 -0.18 -3.27 -25.48
CA THR A 237 -0.84 -2.06 -25.94
C THR A 237 -0.17 -1.53 -27.22
N GLU A 238 -0.98 -1.26 -28.24
CA GLU A 238 -0.47 -0.84 -29.54
C GLU A 238 0.01 0.62 -29.45
N ASN A 239 1.32 0.79 -29.47
CA ASN A 239 2.03 2.06 -29.39
C ASN A 239 3.46 1.65 -29.74
N LYS A 240 3.62 0.36 -30.02
CA LYS A 240 4.95 -0.23 -30.20
C LYS A 240 5.64 0.27 -31.46
N ASP A 241 4.90 0.78 -32.45
CA ASP A 241 5.53 1.33 -33.65
C ASP A 241 6.59 2.35 -33.28
N ILE A 242 6.25 3.27 -32.37
CA ILE A 242 7.17 4.34 -32.03
C ILE A 242 8.34 3.82 -31.20
N TYR A 243 8.08 2.87 -30.29
CA TYR A 243 9.18 2.31 -29.51
C TYR A 243 10.18 1.60 -30.41
N TRP A 244 9.71 0.83 -31.38
CA TRP A 244 10.64 0.07 -32.21
C TRP A 244 11.31 0.94 -33.26
N ARG A 245 10.59 1.94 -33.81
CA ARG A 245 11.24 2.93 -34.65
C ARG A 245 12.31 3.70 -33.87
N ASN A 246 12.01 4.05 -32.61
CA ASN A 246 13.01 4.65 -31.74
C ASN A 246 14.22 3.73 -31.59
N VAL A 247 13.97 2.44 -31.33
CA VAL A 247 15.05 1.46 -31.15
C VAL A 247 15.92 1.39 -32.41
N ARG A 248 15.28 1.28 -33.58
CA ARG A 248 16.03 1.21 -34.82
C ARG A 248 16.87 2.48 -35.03
N GLU A 249 16.23 3.65 -34.99
CA GLU A 249 16.90 4.89 -35.40
C GLU A 249 17.90 5.37 -34.35
N LYS A 250 17.58 5.28 -33.07
CA LYS A 250 18.25 6.12 -32.09
C LYS A 250 19.49 5.50 -31.47
N LEU A 251 19.66 4.18 -31.46
CA LEU A 251 20.67 3.62 -30.56
C LEU A 251 21.88 2.93 -31.21
N SER A 252 21.89 2.74 -32.55
CA SER A 252 23.08 2.26 -33.27
C SER A 252 23.35 0.76 -33.10
N VAL A 253 23.80 0.10 -34.18
CA VAL A 253 23.97 -1.34 -34.18
C VAL A 253 25.27 -1.72 -33.47
N GLY A 254 25.22 -2.76 -32.65
CA GLY A 254 26.35 -3.18 -31.84
C GLY A 254 26.28 -2.82 -30.36
N GLU A 255 25.35 -1.97 -29.96
CA GLU A 255 25.33 -1.57 -28.55
C GLU A 255 24.65 -2.61 -27.68
N SER A 256 25.16 -2.75 -26.46
CA SER A 256 24.75 -3.84 -25.59
C SER A 256 24.82 -3.39 -24.13
N ILE A 257 24.29 -4.23 -23.24
CA ILE A 257 24.45 -4.08 -21.81
C ILE A 257 24.91 -5.41 -21.22
N SER A 258 25.44 -5.33 -20.01
CA SER A 258 25.90 -6.53 -19.32
C SER A 258 24.84 -7.01 -18.34
N LEU A 259 25.18 -8.09 -17.63
CA LEU A 259 24.30 -8.64 -16.60
C LEU A 259 24.19 -7.71 -15.41
N ASP A 260 25.27 -6.98 -15.10
CA ASP A 260 25.21 -6.04 -13.98
C ASP A 260 24.26 -4.89 -14.29
N GLU A 261 24.39 -4.30 -15.48
CA GLU A 261 23.46 -3.26 -15.90
C GLU A 261 22.03 -3.79 -15.89
N PHE A 262 21.82 -5.02 -16.37
CA PHE A 262 20.47 -5.59 -16.40
C PHE A 262 19.90 -5.76 -14.99
N LYS A 263 20.71 -6.27 -14.07
CA LYS A 263 20.25 -6.45 -12.70
C LYS A 263 19.92 -5.10 -12.05
N SER A 264 20.80 -4.11 -12.20
CA SER A 264 20.52 -2.80 -11.63
C SER A 264 19.27 -2.20 -12.24
N PHE A 265 18.97 -2.51 -13.50
CA PHE A 265 17.70 -2.00 -14.01
C PHE A 265 16.51 -2.75 -13.42
N CYS A 266 16.64 -4.06 -13.17
CA CYS A 266 15.54 -4.78 -12.51
C CYS A 266 15.28 -4.21 -11.12
N HIS A 267 16.35 -3.92 -10.37
CA HIS A 267 16.22 -3.28 -9.07
C HIS A 267 15.46 -1.96 -9.21
N PHE A 268 15.95 -1.09 -10.10
CA PHE A 268 15.19 0.12 -10.40
C PHE A 268 13.70 -0.19 -10.57
N THR A 269 13.38 -1.17 -11.40
CA THR A 269 11.99 -1.48 -11.68
C THR A 269 11.23 -1.81 -10.42
N THR A 270 11.89 -2.43 -9.44
CA THR A 270 11.17 -2.72 -8.20
C THR A 270 10.98 -1.46 -7.36
N HIS A 271 11.71 -0.39 -7.66
CA HIS A 271 11.45 0.88 -6.99
C HIS A 271 10.62 1.85 -7.84
N LEU A 272 9.72 1.33 -8.69
CA LEU A 272 8.98 2.22 -9.56
C LEU A 272 8.07 3.18 -8.80
N GLU A 273 7.65 2.87 -7.57
CA GLU A 273 6.75 3.81 -6.89
C GLU A 273 7.49 5.05 -6.37
N ASP A 274 8.71 4.87 -5.83
CA ASP A 274 9.59 6.01 -5.58
C ASP A 274 9.83 6.81 -6.86
N PHE A 275 10.13 6.11 -7.96
CA PHE A 275 10.33 6.84 -9.21
C PHE A 275 9.09 7.64 -9.60
N ALA A 276 7.90 7.09 -9.34
CA ALA A 276 6.67 7.77 -9.72
C ALA A 276 6.43 9.01 -8.87
N ILE A 277 6.84 8.98 -7.60
CA ILE A 277 6.79 10.19 -6.79
C ILE A 277 7.70 11.26 -7.39
N ALA A 278 8.93 10.89 -7.72
CA ALA A 278 9.84 11.85 -8.33
C ALA A 278 9.28 12.38 -9.66
N MET A 279 8.53 11.56 -10.40
CA MET A 279 7.91 12.04 -11.62
C MET A 279 6.76 13.01 -11.35
N GLN A 280 5.96 12.77 -10.30
CA GLN A 280 4.89 13.71 -9.96
C GLN A 280 5.43 15.05 -9.49
N MET A 281 6.61 15.07 -8.87
CA MET A 281 7.16 16.37 -8.49
C MET A 281 7.60 17.22 -9.68
N PHE A 282 7.71 16.64 -10.88
CA PHE A 282 7.86 17.37 -12.14
C PHE A 282 6.51 17.66 -12.77
N SER A 283 5.59 16.69 -12.71
CA SER A 283 4.26 16.91 -13.26
C SER A 283 3.53 18.06 -12.58
N LEU A 284 3.76 18.26 -11.28
CA LEU A 284 3.12 19.37 -10.58
C LEU A 284 3.75 20.71 -10.95
N ALA A 285 5.09 20.75 -11.11
CA ALA A 285 5.77 21.98 -11.52
C ALA A 285 5.64 22.26 -13.00
N HIS A 286 4.79 21.51 -13.70
CA HIS A 286 4.60 21.60 -15.15
C HIS A 286 5.93 21.62 -15.92
N ARG A 287 7.00 20.92 -15.36
CA ARG A 287 8.31 20.90 -16.01
C ARG A 287 8.56 19.58 -16.75
N PRO A 288 9.34 19.64 -17.82
CA PRO A 288 9.64 18.42 -18.58
C PRO A 288 10.88 17.73 -18.04
N VAL A 289 10.92 16.41 -18.21
CA VAL A 289 11.99 15.58 -17.65
C VAL A 289 13.06 15.41 -18.72
N ARG A 290 14.16 16.15 -18.57
CA ARG A 290 15.33 15.99 -19.44
C ARG A 290 16.21 14.87 -18.89
N LEU A 291 17.35 14.67 -19.54
CA LEU A 291 18.17 13.49 -19.30
C LEU A 291 18.86 13.51 -17.94
N ALA A 292 19.41 14.66 -17.53
CA ALA A 292 20.02 14.72 -16.20
C ALA A 292 18.96 14.73 -15.10
N GLU A 293 17.74 15.18 -15.43
CA GLU A 293 16.66 15.07 -14.46
C GLU A 293 16.20 13.62 -14.34
N PHE A 294 16.13 12.91 -15.47
CA PHE A 294 15.85 11.47 -15.43
C PHE A 294 16.90 10.74 -14.61
N LYS A 295 18.16 11.06 -14.82
CA LYS A 295 19.20 10.34 -14.09
C LYS A 295 19.14 10.62 -12.62
N ARG A 296 18.84 11.87 -12.22
CA ARG A 296 18.73 12.21 -10.81
C ARG A 296 17.52 11.51 -10.16
N ALA A 297 16.37 11.54 -10.82
CA ALA A 297 15.22 10.76 -10.36
C ALA A 297 15.58 9.28 -10.15
N VAL A 298 16.32 8.67 -11.11
CA VAL A 298 16.68 7.26 -11.01
C VAL A 298 17.62 7.02 -9.83
N LYS A 299 18.58 7.93 -9.62
CA LYS A 299 19.44 7.85 -8.45
C LYS A 299 18.66 7.92 -7.14
N VAL A 300 17.62 8.74 -7.09
CA VAL A 300 16.89 8.89 -5.83
C VAL A 300 15.94 7.72 -5.60
N ALA A 301 15.34 7.21 -6.67
CA ALA A 301 14.50 6.02 -6.58
C ALA A 301 15.29 4.81 -6.09
N THR A 302 16.45 4.54 -6.71
CA THR A 302 17.19 3.34 -6.35
C THR A 302 18.19 3.53 -5.22
N GLY A 303 18.66 4.76 -5.00
CA GLY A 303 19.89 4.93 -4.24
C GLY A 303 21.11 4.37 -4.91
N GLN A 304 21.03 4.08 -6.21
CA GLN A 304 22.11 3.48 -6.97
C GLN A 304 22.47 4.37 -8.15
N GLU A 305 23.69 4.20 -8.62
CA GLU A 305 24.19 4.90 -9.79
C GLU A 305 24.13 3.94 -10.99
N LEU A 306 22.99 3.92 -11.67
CA LEU A 306 22.89 3.22 -12.95
C LEU A 306 23.83 3.88 -13.97
N SER A 307 24.20 3.11 -14.98
CA SER A 307 25.18 3.54 -15.96
C SER A 307 24.54 4.43 -17.00
N ASP A 308 25.33 5.35 -17.55
CA ASP A 308 24.88 6.18 -18.66
C ASP A 308 24.47 5.32 -19.86
N ASN A 309 25.22 4.24 -20.12
CA ASN A 309 24.91 3.34 -21.22
C ASN A 309 23.47 2.82 -21.11
N LEU A 310 23.06 2.44 -19.91
CA LEU A 310 21.68 2.02 -19.68
C LEU A 310 20.69 3.20 -19.79
N LEU A 311 20.93 4.27 -19.03
CA LEU A 311 19.88 5.28 -18.86
C LEU A 311 19.70 6.14 -20.11
N ASP A 312 20.78 6.42 -20.85
CA ASP A 312 20.67 7.08 -22.15
C ASP A 312 19.79 6.28 -23.09
N THR A 313 19.97 4.96 -23.12
CA THR A 313 19.17 4.13 -24.00
C THR A 313 17.70 4.15 -23.59
N VAL A 314 17.44 4.01 -22.29
CA VAL A 314 16.06 4.06 -21.80
C VAL A 314 15.41 5.39 -22.17
N PHE A 315 16.13 6.49 -21.94
CA PHE A 315 15.62 7.81 -22.28
C PHE A 315 15.29 7.90 -23.77
N LYS A 316 16.28 7.59 -24.63
CA LYS A 316 16.07 7.64 -26.06
C LYS A 316 14.85 6.81 -26.48
N ILE A 317 14.61 5.68 -25.80
CA ILE A 317 13.51 4.81 -26.23
C ILE A 317 12.17 5.42 -25.86
N PHE A 318 12.04 5.90 -24.63
CA PHE A 318 10.76 6.47 -24.19
C PHE A 318 10.70 7.98 -24.40
N ASP A 319 11.54 8.51 -25.28
CA ASP A 319 11.36 9.87 -25.79
C ASP A 319 10.45 9.80 -27.02
N LEU A 320 9.16 9.56 -26.74
CA LEU A 320 8.19 9.28 -27.79
C LEU A 320 8.19 10.37 -28.86
N ASP A 321 8.31 11.63 -28.47
CA ASP A 321 8.34 12.69 -29.45
C ASP A 321 9.79 13.04 -29.82
N GLY A 322 9.93 13.91 -30.81
CA GLY A 322 11.27 14.33 -31.19
C GLY A 322 11.99 15.19 -30.16
N ASP A 323 11.27 15.67 -29.14
CA ASP A 323 11.87 16.56 -28.13
C ASP A 323 12.95 15.83 -27.33
N GLU A 324 13.56 16.52 -26.37
CA GLU A 324 14.54 15.90 -25.49
C GLU A 324 13.92 15.56 -24.14
N CYS A 325 12.66 15.13 -24.13
CA CYS A 325 11.89 14.97 -22.91
C CYS A 325 11.36 13.56 -22.79
N LEU A 326 11.46 13.03 -21.57
CA LEU A 326 10.92 11.73 -21.24
C LEU A 326 9.40 11.76 -21.27
N SER A 327 8.80 10.85 -22.03
CA SER A 327 7.38 10.56 -21.90
C SER A 327 7.23 9.62 -20.70
N HIS A 328 7.36 10.22 -19.51
CA HIS A 328 7.51 9.44 -18.28
C HIS A 328 6.23 8.71 -17.89
N GLY A 329 5.07 9.19 -18.32
CA GLY A 329 3.84 8.46 -18.09
C GLY A 329 3.85 7.04 -18.64
N GLU A 330 3.96 6.91 -19.97
CA GLU A 330 3.97 5.59 -20.60
C GLU A 330 5.14 4.76 -20.11
N PHE A 331 6.26 5.39 -19.79
CA PHE A 331 7.39 4.68 -19.19
C PHE A 331 6.98 4.03 -17.87
N LEU A 332 6.30 4.80 -17.00
CA LEU A 332 5.79 4.26 -15.74
C LEU A 332 4.80 3.11 -15.98
N GLY A 333 3.93 3.28 -16.96
CA GLY A 333 3.07 2.18 -17.36
C GLY A 333 3.84 0.92 -17.73
N VAL A 334 4.96 1.09 -18.45
CA VAL A 334 5.69 -0.08 -18.94
C VAL A 334 6.44 -0.75 -17.80
N LEU A 335 6.99 0.04 -16.86
CA LEU A 335 7.58 -0.56 -15.67
C LEU A 335 6.54 -1.33 -14.86
N LYS A 336 5.29 -0.88 -14.87
CA LYS A 336 4.25 -1.63 -14.16
C LYS A 336 3.97 -2.95 -14.87
N ASN A 337 3.71 -2.88 -16.19
CA ASN A 337 3.57 -4.09 -17.00
C ASN A 337 4.68 -5.08 -16.68
N ARG A 338 5.91 -4.57 -16.64
CA ARG A 338 7.09 -5.40 -16.43
C ARG A 338 7.04 -6.07 -15.06
N MET A 339 6.59 -5.33 -14.06
CA MET A 339 6.60 -5.85 -12.70
C MET A 339 5.50 -6.90 -12.49
N HIS A 340 4.37 -6.77 -13.20
CA HIS A 340 3.24 -7.67 -12.98
C HIS A 340 3.26 -8.93 -13.84
N ARG A 341 4.01 -8.93 -14.95
CA ARG A 341 4.31 -10.15 -15.72
C ARG A 341 3.06 -10.77 -16.35
N GLY A 342 2.09 -9.96 -16.76
CA GLY A 342 0.87 -10.51 -17.34
C GLY A 342 0.04 -11.35 -16.40
N LEU A 343 0.30 -11.27 -15.09
CA LEU A 343 -0.40 -12.10 -14.13
C LEU A 343 -1.75 -11.54 -13.72
N TRP A 344 -2.01 -10.27 -13.99
CA TRP A 344 -3.29 -9.66 -13.70
C TRP A 344 -3.75 -8.86 -14.91
N VAL A 345 -5.06 -8.68 -15.04
CA VAL A 345 -5.66 -7.90 -16.12
C VAL A 345 -6.79 -7.05 -15.53
N SER A 346 -6.74 -5.74 -15.77
CA SER A 346 -7.77 -4.85 -15.24
C SER A 346 -9.03 -4.92 -16.08
N GLN A 347 -10.19 -4.85 -15.43
CA GLN A 347 -11.44 -4.80 -16.18
C GLN A 347 -12.50 -4.08 -15.36
N GLN A 348 -13.63 -3.80 -16.00
CA GLN A 348 -14.77 -3.15 -15.34
C GLN A 348 -16.06 -3.49 -16.10
N GLN A 349 -16.40 -4.78 -16.11
CA GLN A 349 -17.71 -5.22 -16.60
C GLN A 349 -18.74 -5.32 -15.48
N SER A 350 -18.53 -4.60 -14.37
CA SER A 350 -19.50 -4.64 -13.27
C SER A 350 -20.83 -4.03 -13.69
N VAL A 351 -20.77 -2.98 -14.52
CA VAL A 351 -21.98 -2.28 -14.97
C VAL A 351 -22.82 -3.19 -15.87
N GLN A 352 -22.17 -4.05 -16.67
CA GLN A 352 -22.91 -4.94 -17.55
C GLN A 352 -23.71 -5.94 -16.74
N GLU A 353 -23.09 -6.55 -15.72
CA GLU A 353 -23.83 -7.45 -14.85
C GLU A 353 -24.97 -6.73 -14.14
N TYR A 354 -24.71 -5.49 -13.69
CA TYR A 354 -25.78 -4.69 -13.10
C TYR A 354 -26.98 -4.58 -14.03
N TRP A 355 -26.75 -4.20 -15.29
CA TRP A 355 -27.86 -4.04 -16.23
C TRP A 355 -28.57 -5.36 -16.48
N LYS A 356 -27.81 -6.44 -16.65
CA LYS A 356 -28.43 -7.75 -16.84
C LYS A 356 -29.37 -8.06 -15.70
N CYS A 357 -28.93 -7.80 -14.45
CA CYS A 357 -29.77 -8.11 -13.31
C CYS A 357 -30.99 -7.19 -13.23
N VAL A 358 -30.81 -5.91 -13.59
CA VAL A 358 -31.94 -4.98 -13.65
C VAL A 358 -33.00 -5.50 -14.60
N LYS A 359 -32.59 -5.86 -15.81
CA LYS A 359 -33.56 -6.27 -16.83
C LYS A 359 -34.23 -7.60 -16.44
N LYS A 360 -33.46 -8.56 -15.96
CA LYS A 360 -34.04 -9.84 -15.54
C LYS A 360 -35.06 -9.65 -14.43
N GLU A 361 -34.71 -8.89 -13.39
CA GLU A 361 -35.64 -8.69 -12.28
C GLU A 361 -36.88 -7.91 -12.69
N SER A 362 -36.71 -6.84 -13.49
CA SER A 362 -37.85 -6.05 -13.91
C SER A 362 -38.79 -6.87 -14.80
N ILE A 363 -38.23 -7.70 -15.67
CA ILE A 363 -39.05 -8.53 -16.55
C ILE A 363 -39.83 -9.55 -15.73
N LYS A 364 -39.15 -10.28 -14.84
CA LYS A 364 -39.86 -11.27 -14.04
C LYS A 364 -40.79 -10.64 -13.00
N GLY A 365 -40.68 -9.33 -12.76
CA GLY A 365 -41.66 -8.63 -11.92
C GLY A 365 -42.87 -8.13 -12.68
N VAL A 366 -42.68 -7.73 -13.95
CA VAL A 366 -43.81 -7.39 -14.82
C VAL A 366 -44.60 -8.65 -15.21
N LYS A 367 -43.90 -9.77 -15.36
CA LYS A 367 -44.53 -11.04 -15.71
C LYS A 367 -45.54 -11.49 -14.67
N GLU A 368 -45.45 -10.96 -13.45
CA GLU A 368 -46.38 -11.28 -12.37
C GLU A 368 -47.25 -10.10 -11.94
N ALA A 369 -46.77 -8.87 -12.12
CA ALA A 369 -47.54 -7.72 -11.68
C ALA A 369 -48.70 -7.41 -12.62
N TRP A 370 -48.50 -7.62 -13.92
CA TRP A 370 -49.52 -7.29 -14.92
C TRP A 370 -50.34 -8.50 -15.35
N ARG A 371 -49.76 -9.70 -15.30
CA ARG A 371 -50.55 -10.91 -15.52
C ARG A 371 -51.48 -11.23 -14.34
N GLN A 372 -51.50 -10.37 -13.32
CA GLN A 372 -52.57 -10.34 -12.33
C GLN A 372 -53.46 -9.10 -12.46
N GLN A 373 -53.07 -8.13 -13.30
CA GLN A 373 -53.81 -6.88 -13.50
C GLN A 373 -54.86 -7.00 -14.60
N ALA A 374 -54.57 -6.46 -15.79
CA ALA A 374 -55.55 -6.41 -16.87
C ALA A 374 -54.92 -6.77 -18.21
N LYS B 26 -19.41 20.24 -2.59
CA LYS B 26 -18.53 20.38 -3.75
C LYS B 26 -17.06 20.40 -3.30
N LEU B 27 -16.84 20.95 -2.11
CA LEU B 27 -15.51 21.00 -1.51
C LEU B 27 -15.07 19.60 -1.08
N SER B 28 -13.75 19.39 -1.05
CA SER B 28 -13.21 18.14 -0.52
C SER B 28 -13.43 18.07 0.99
N LEU B 29 -13.27 16.85 1.54
CA LEU B 29 -13.41 16.68 2.97
C LEU B 29 -12.38 17.51 3.73
N ARG B 30 -11.13 17.53 3.24
CA ARG B 30 -10.08 18.28 3.91
C ARG B 30 -10.33 19.80 3.84
N LYS B 31 -10.78 20.29 2.68
CA LYS B 31 -11.11 21.71 2.58
C LYS B 31 -12.32 22.06 3.44
N GLN B 32 -13.29 21.15 3.52
CA GLN B 32 -14.45 21.38 4.36
C GLN B 32 -14.04 21.49 5.83
N ARG B 33 -13.13 20.62 6.29
CA ARG B 33 -12.70 20.73 7.68
C ARG B 33 -11.95 22.04 7.91
N PHE B 34 -11.10 22.42 6.95
CA PHE B 34 -10.36 23.68 7.07
C PHE B 34 -11.32 24.86 7.19
N MET B 35 -12.36 24.89 6.36
CA MET B 35 -13.33 25.97 6.45
C MET B 35 -14.12 25.89 7.74
N GLN B 36 -14.29 24.68 8.28
CA GLN B 36 -15.00 24.53 9.54
C GLN B 36 -14.23 25.13 10.70
N PHE B 37 -12.89 25.00 10.71
CA PHE B 37 -12.10 25.35 11.89
C PHE B 37 -11.18 26.55 11.72
N SER B 38 -11.12 27.18 10.55
CA SER B 38 -10.15 28.25 10.31
C SER B 38 -10.71 29.55 10.82
N SER B 39 -10.04 30.16 11.80
CA SER B 39 -10.59 31.30 12.51
C SER B 39 -10.00 32.64 12.07
N LEU B 40 -8.95 32.65 11.24
CA LEU B 40 -8.34 33.91 10.80
C LEU B 40 -8.64 34.16 9.33
N GLU B 41 -8.82 35.44 8.98
CA GLU B 41 -8.92 35.87 7.59
C GLU B 41 -8.01 37.06 7.33
N HIS B 42 -7.41 37.11 6.15
CA HIS B 42 -6.51 38.19 5.76
C HIS B 42 -6.40 38.19 4.25
N ASP B 43 -6.66 39.33 3.62
CA ASP B 43 -6.56 39.45 2.16
C ASP B 43 -7.40 38.37 1.45
N GLY B 44 -8.60 38.11 1.98
CA GLY B 44 -9.48 37.13 1.36
C GLY B 44 -8.98 35.70 1.40
N GLU B 45 -7.89 35.44 2.12
CA GLU B 45 -7.46 34.09 2.42
C GLU B 45 -7.79 33.76 3.87
N TYR B 46 -7.91 32.47 4.16
CA TYR B 46 -8.25 31.98 5.48
C TYR B 46 -7.11 31.16 6.06
N TYR B 47 -6.82 31.38 7.34
CA TYR B 47 -5.73 30.69 8.02
C TYR B 47 -6.21 30.11 9.34
N MET B 48 -5.47 29.10 9.78
CA MET B 48 -5.64 28.45 11.07
C MET B 48 -4.60 28.96 12.04
N THR B 49 -4.95 29.03 13.30
CA THR B 49 -3.96 29.07 14.36
C THR B 49 -3.57 27.63 14.68
N PRO B 50 -2.51 27.42 15.48
CA PRO B 50 -2.20 26.05 15.92
C PRO B 50 -3.31 25.37 16.71
N ARG B 51 -4.04 26.12 17.55
CA ARG B 51 -5.15 25.51 18.29
C ARG B 51 -6.24 25.06 17.32
N ASP B 52 -6.55 25.90 16.33
CA ASP B 52 -7.53 25.52 15.32
C ASP B 52 -7.13 24.22 14.66
N PHE B 53 -5.83 24.04 14.41
CA PHE B 53 -5.37 22.84 13.71
C PHE B 53 -5.55 21.60 14.57
N LEU B 54 -5.13 21.69 15.84
CA LEU B 54 -5.32 20.56 16.75
C LEU B 54 -6.79 20.13 16.80
N PHE B 55 -7.69 21.08 17.06
CA PHE B 55 -9.09 20.68 17.11
C PHE B 55 -9.59 20.23 15.73
N SER B 56 -8.96 20.73 14.67
CA SER B 56 -9.30 20.34 13.31
C SER B 56 -9.15 18.85 13.11
N VAL B 57 -8.05 18.29 13.61
CA VAL B 57 -7.84 16.85 13.41
C VAL B 57 -8.54 16.01 14.47
N MET B 58 -8.89 16.60 15.61
CA MET B 58 -9.60 15.83 16.63
C MET B 58 -11.10 15.73 16.39
N PHE B 59 -11.72 16.76 15.82
CA PHE B 59 -13.17 16.89 15.77
C PHE B 59 -13.61 17.19 14.34
N GLU B 60 -14.91 17.09 14.10
CA GLU B 60 -15.47 17.42 12.81
C GLU B 60 -16.31 18.69 12.82
N GLN B 61 -16.80 19.11 13.99
CA GLN B 61 -17.67 20.27 14.12
C GLN B 61 -17.10 21.15 15.21
N VAL B 62 -16.98 22.45 14.92
CA VAL B 62 -16.71 23.41 15.97
C VAL B 62 -17.92 23.47 16.90
N GLU B 63 -17.66 23.75 18.18
CA GLU B 63 -18.72 23.83 19.18
C GLU B 63 -19.37 25.20 19.23
N ARG B 64 -18.56 26.26 19.31
CA ARG B 64 -19.07 27.61 19.45
C ARG B 64 -19.23 28.32 18.12
N LYS B 65 -18.87 27.65 17.03
CA LYS B 65 -18.71 28.31 15.74
C LYS B 65 -17.72 29.46 15.91
N THR B 66 -16.43 29.16 15.68
CA THR B 66 -15.36 30.12 15.93
C THR B 66 -15.64 31.44 15.21
N LEU B 67 -15.65 32.52 15.97
CA LEU B 67 -15.69 33.85 15.39
C LEU B 67 -14.47 34.07 14.51
N VAL B 68 -14.68 34.40 13.24
CA VAL B 68 -13.58 34.61 12.31
C VAL B 68 -13.06 36.03 12.48
N LYS B 69 -11.81 36.14 12.95
CA LYS B 69 -11.18 37.42 13.19
C LYS B 69 -10.50 37.91 11.92
N LYS B 70 -10.93 39.06 11.42
CA LYS B 70 -10.30 39.64 10.23
C LYS B 70 -8.95 40.21 10.60
N LEU B 71 -7.97 40.05 9.71
CA LEU B 71 -6.62 40.49 9.98
C LEU B 71 -6.09 41.37 8.86
N ALA B 72 -5.25 42.32 9.25
CA ALA B 72 -4.47 43.16 8.36
C ALA B 72 -2.99 42.92 8.67
N LYS B 73 -2.13 43.34 7.73
CA LYS B 73 -0.69 43.08 7.77
C LYS B 73 -0.13 43.09 9.18
N LYS B 74 -0.25 44.21 9.90
CA LYS B 74 0.37 44.33 11.22
C LYS B 74 -0.11 43.26 12.19
N ASP B 75 -1.36 42.80 12.02
CA ASP B 75 -1.93 41.84 12.97
C ASP B 75 -1.19 40.50 12.92
N ILE B 76 -1.06 39.92 11.73
CA ILE B 76 -0.44 38.60 11.63
C ILE B 76 1.01 38.60 12.08
N GLU B 77 1.72 39.74 12.07
CA GLU B 77 3.07 39.77 12.62
C GLU B 77 3.06 39.51 14.13
N ASP B 78 2.22 40.24 14.86
CA ASP B 78 2.08 40.01 16.30
C ASP B 78 1.58 38.58 16.56
N VAL B 79 0.68 38.08 15.71
CA VAL B 79 0.26 36.67 15.82
C VAL B 79 1.47 35.76 15.73
N LEU B 80 2.31 35.94 14.70
CA LEU B 80 3.51 35.12 14.50
C LEU B 80 4.44 35.17 15.70
N SER B 81 4.43 36.28 16.44
CA SER B 81 5.40 36.52 17.51
C SER B 81 5.42 35.45 18.60
N GLY B 82 4.47 34.50 18.61
CA GLY B 82 4.43 33.46 19.62
C GLY B 82 5.56 32.46 19.53
N ILE B 83 6.23 32.38 18.36
CA ILE B 83 7.33 31.45 18.14
C ILE B 83 8.55 31.78 19.02
N GLN B 84 8.65 33.02 19.53
CA GLN B 84 9.79 33.39 20.37
C GLN B 84 9.89 32.50 21.61
N THR B 85 8.76 31.98 22.08
CA THR B 85 8.63 31.48 23.44
C THR B 85 8.23 30.01 23.55
N ALA B 86 7.82 29.37 22.45
CA ALA B 86 7.36 27.99 22.52
C ALA B 86 8.52 27.01 22.39
N ARG B 87 8.40 25.90 23.12
CA ARG B 87 9.32 24.78 22.97
C ARG B 87 9.14 24.13 21.61
N CYS B 88 10.09 23.29 21.23
CA CYS B 88 10.08 22.67 19.91
C CYS B 88 9.95 21.15 19.97
N GLY B 89 9.58 20.60 21.11
CA GLY B 89 9.29 19.19 21.25
C GLY B 89 7.80 18.93 21.10
N SER B 90 7.33 17.93 21.80
CA SER B 90 5.93 17.56 21.63
C SER B 90 4.95 18.54 22.30
N THR B 91 5.28 19.71 22.87
CA THR B 91 4.26 20.65 23.34
C THR B 91 4.24 21.91 22.49
N PHE B 92 4.71 21.80 21.25
CA PHE B 92 4.92 22.96 20.40
C PHE B 92 3.61 23.68 20.09
N PHE B 93 2.69 22.96 19.45
CA PHE B 93 1.39 23.52 19.08
C PHE B 93 0.58 23.95 20.29
N ARG B 94 0.68 23.22 21.41
CA ARG B 94 -0.09 23.60 22.59
C ARG B 94 0.46 24.88 23.23
N ASP B 95 1.80 24.99 23.30
CA ASP B 95 2.40 26.22 23.81
C ASP B 95 1.97 27.43 23.00
N LEU B 96 1.95 27.32 21.67
CA LEU B 96 1.53 28.49 20.89
C LEU B 96 0.07 28.88 21.16
N GLY B 97 -0.81 27.92 21.45
CA GLY B 97 -2.22 28.27 21.58
C GLY B 97 -2.74 28.86 20.27
N ASP B 98 -3.22 30.10 20.33
CA ASP B 98 -3.69 30.81 19.15
C ASP B 98 -2.61 31.67 18.49
N LYS B 99 -1.42 31.73 19.08
CA LYS B 99 -0.37 32.61 18.59
C LYS B 99 0.41 31.85 17.49
N GLY B 100 -0.18 31.83 16.30
CA GLY B 100 0.47 31.22 15.16
C GLY B 100 -0.41 31.33 13.94
N VAL B 101 0.20 31.07 12.78
CA VAL B 101 -0.50 31.10 11.50
C VAL B 101 -0.15 29.85 10.72
N ILE B 102 -1.18 29.20 10.15
CA ILE B 102 -1.04 27.96 9.41
C ILE B 102 -1.90 28.05 8.15
N SER B 103 -1.27 27.91 6.99
CA SER B 103 -2.02 28.02 5.74
C SER B 103 -2.67 26.69 5.35
N TYR B 104 -3.50 26.75 4.31
CA TYR B 104 -4.20 25.57 3.81
C TYR B 104 -3.25 24.49 3.29
N THR B 105 -2.22 24.86 2.52
CA THR B 105 -1.33 23.80 2.04
C THR B 105 -0.47 23.26 3.18
N GLU B 106 -0.06 24.11 4.12
CA GLU B 106 0.56 23.59 5.34
C GLU B 106 -0.39 22.70 6.11
N TYR B 107 -1.70 22.97 6.01
CA TYR B 107 -2.67 22.13 6.70
C TYR B 107 -2.77 20.76 6.05
N LEU B 108 -2.88 20.70 4.72
CA LEU B 108 -2.88 19.39 4.06
C LEU B 108 -1.60 18.62 4.36
N PHE B 109 -0.47 19.34 4.42
CA PHE B 109 0.80 18.73 4.78
C PHE B 109 0.75 18.08 6.15
N LEU B 110 0.25 18.81 7.16
CA LEU B 110 0.15 18.26 8.52
C LEU B 110 -0.87 17.12 8.61
N LEU B 111 -2.04 17.28 7.99
CA LEU B 111 -3.00 16.20 7.86
C LEU B 111 -2.31 14.93 7.40
N THR B 112 -1.64 15.00 6.25
CA THR B 112 -1.02 13.82 5.67
C THR B 112 0.00 13.21 6.62
N ILE B 113 0.82 14.04 7.28
CA ILE B 113 1.71 13.44 8.27
C ILE B 113 0.92 12.67 9.33
N LEU B 114 -0.24 13.19 9.75
CA LEU B 114 -1.02 12.49 10.79
C LEU B 114 -1.63 11.20 10.26
N THR B 115 -2.34 11.27 9.13
CA THR B 115 -3.12 10.17 8.57
C THR B 115 -2.29 9.19 7.73
N LYS B 116 -1.00 9.44 7.50
CA LYS B 116 -0.07 8.46 6.91
C LYS B 116 1.23 8.43 7.73
N PRO B 117 1.18 7.84 8.93
CA PRO B 117 2.25 8.08 9.93
C PRO B 117 3.53 7.30 9.72
N HIS B 118 3.58 6.37 8.77
CA HIS B 118 4.79 5.58 8.51
C HIS B 118 5.63 6.10 7.34
N SER B 119 5.10 7.06 6.56
CA SER B 119 5.52 7.17 5.16
C SER B 119 7.00 7.52 5.03
N GLY B 120 7.49 8.46 5.85
CA GLY B 120 8.88 8.91 5.79
C GLY B 120 9.15 10.09 4.86
N PHE B 121 8.60 10.05 3.64
CA PHE B 121 8.64 11.14 2.67
C PHE B 121 10.05 11.47 2.22
N HIS B 122 10.97 10.52 2.40
CA HIS B 122 12.38 10.73 2.08
C HIS B 122 12.59 11.03 0.60
N VAL B 123 11.75 10.47 -0.28
CA VAL B 123 11.94 10.69 -1.72
C VAL B 123 11.71 12.15 -2.06
N ALA B 124 10.57 12.70 -1.64
CA ALA B 124 10.27 14.11 -1.91
C ALA B 124 11.37 15.02 -1.36
N PHE B 125 11.84 14.72 -0.14
CA PHE B 125 12.92 15.50 0.44
C PHE B 125 14.17 15.45 -0.43
N LYS B 126 14.57 14.24 -0.85
CA LYS B 126 15.82 14.13 -1.59
C LYS B 126 15.71 14.74 -2.98
N MET B 127 14.50 14.79 -3.55
CA MET B 127 14.29 15.50 -4.80
C MET B 127 14.35 17.03 -4.64
N LEU B 128 13.85 17.58 -3.54
CA LEU B 128 13.95 19.03 -3.37
C LEU B 128 15.32 19.48 -2.87
N ASP B 129 16.14 18.55 -2.42
CA ASP B 129 17.46 18.84 -1.88
C ASP B 129 18.45 18.91 -3.05
N VAL B 130 18.47 20.09 -3.69
CA VAL B 130 19.21 20.25 -4.94
C VAL B 130 20.71 20.19 -4.69
N ASP B 131 21.19 20.76 -3.59
CA ASP B 131 22.62 20.84 -3.33
C ASP B 131 23.21 19.55 -2.77
N GLY B 132 22.49 18.43 -2.84
CA GLY B 132 23.02 17.15 -2.41
C GLY B 132 23.11 16.93 -0.92
N ASN B 133 23.04 17.99 -0.09
CA ASN B 133 23.11 17.86 1.37
C ASN B 133 21.81 17.26 1.94
N GLU B 134 21.60 17.33 3.24
CA GLU B 134 20.31 16.81 3.70
C GLU B 134 19.37 17.93 4.13
N MET B 135 19.17 18.93 3.26
CA MET B 135 18.51 20.18 3.64
C MET B 135 17.76 20.77 2.46
N ILE B 136 16.66 21.47 2.76
CA ILE B 136 15.91 22.18 1.73
C ILE B 136 15.78 23.64 2.16
N GLU B 137 15.52 24.49 1.17
CA GLU B 137 15.37 25.92 1.40
C GLU B 137 13.90 26.28 1.43
N ARG B 138 13.61 27.41 2.06
CA ARG B 138 12.23 27.90 2.16
C ARG B 138 11.51 27.88 0.82
N LYS B 139 12.27 28.05 -0.27
CA LYS B 139 11.70 28.08 -1.61
C LYS B 139 11.07 26.75 -2.01
N GLU B 140 11.52 25.65 -1.40
CA GLU B 140 11.03 24.32 -1.76
C GLU B 140 9.87 23.87 -0.88
N PHE B 141 9.58 24.60 0.19
CA PHE B 141 8.69 24.10 1.22
C PHE B 141 7.31 23.81 0.68
N VAL B 142 6.74 24.72 -0.11
CA VAL B 142 5.41 24.47 -0.66
C VAL B 142 5.43 23.32 -1.67
N LYS B 143 6.53 23.18 -2.43
CA LYS B 143 6.64 22.00 -3.28
C LYS B 143 6.53 20.74 -2.44
N LEU B 144 7.26 20.70 -1.32
CA LEU B 144 7.23 19.54 -0.44
C LEU B 144 5.82 19.27 0.05
N GLN B 145 5.12 20.32 0.49
CA GLN B 145 3.73 20.18 0.93
C GLN B 145 2.86 19.59 -0.17
N LYS B 146 2.92 20.15 -1.37
CA LYS B 146 2.03 19.73 -2.45
C LYS B 146 2.30 18.30 -2.88
N ILE B 147 3.55 17.87 -2.91
CA ILE B 147 3.82 16.49 -3.32
C ILE B 147 3.37 15.53 -2.22
N ILE B 148 3.72 15.82 -0.97
CA ILE B 148 3.38 14.94 0.14
C ILE B 148 1.87 14.79 0.29
N SER B 149 1.11 15.80 -0.13
CA SER B 149 -0.33 15.83 0.13
C SER B 149 -1.19 15.31 -1.02
N LYS B 150 -0.60 15.06 -2.19
CA LYS B 150 -1.39 14.61 -3.33
C LYS B 150 -1.81 13.16 -3.10
N GLN B 151 -3.09 12.97 -2.80
CA GLN B 151 -3.68 11.67 -2.48
C GLN B 151 -2.86 10.90 -1.43
N GLY B 173 3.94 34.16 0.00
CA GLY B 173 4.90 34.58 1.00
C GLY B 173 4.28 35.28 2.20
N VAL B 174 3.14 34.77 2.67
CA VAL B 174 2.40 35.38 3.78
C VAL B 174 3.11 35.20 5.12
N ASN B 175 4.05 34.26 5.20
CA ASN B 175 4.83 33.92 6.38
C ASN B 175 3.96 33.27 7.44
N THR B 176 4.45 32.14 7.95
CA THR B 176 3.66 31.24 8.76
C THR B 176 4.53 30.71 9.87
N THR B 177 3.88 30.07 10.84
CA THR B 177 4.59 29.52 11.99
C THR B 177 5.62 28.50 11.57
N LEU B 178 5.26 27.62 10.61
CA LEU B 178 6.18 26.56 10.17
C LEU B 178 7.33 27.11 9.34
N GLN B 179 7.04 28.05 8.43
CA GLN B 179 8.14 28.71 7.69
C GLN B 179 9.16 29.30 8.65
N VAL B 180 8.68 30.01 9.68
CA VAL B 180 9.57 30.63 10.64
C VAL B 180 10.28 29.58 11.49
N ARG B 181 9.58 28.51 11.85
CA ARG B 181 10.21 27.47 12.67
C ARG B 181 11.34 26.77 11.92
N PHE B 182 11.13 26.50 10.63
CA PHE B 182 12.04 25.68 9.83
C PHE B 182 13.15 26.49 9.15
N PHE B 183 12.80 27.63 8.57
CA PHE B 183 13.71 28.42 7.77
C PHE B 183 14.04 29.78 8.37
N GLY B 184 13.56 30.07 9.56
CA GLY B 184 13.80 31.36 10.19
C GLY B 184 12.80 32.41 9.71
N LYS B 185 12.82 33.54 10.44
CA LYS B 185 11.88 34.63 10.14
C LYS B 185 12.06 35.15 8.73
N ARG B 186 13.29 35.27 8.27
CA ARG B 186 13.60 35.82 6.96
C ARG B 186 14.10 34.76 5.99
N GLY B 187 13.69 33.50 6.18
CA GLY B 187 14.14 32.42 5.31
C GLY B 187 15.63 32.17 5.31
N GLU B 188 16.34 32.58 6.35
CA GLU B 188 17.79 32.61 6.33
C GLU B 188 18.42 31.28 6.69
N LYS B 189 17.65 30.25 7.02
CA LYS B 189 18.24 28.95 7.33
C LYS B 189 17.50 27.86 6.56
N LYS B 190 17.98 26.63 6.67
CA LYS B 190 17.40 25.53 5.90
C LYS B 190 17.05 24.35 6.79
N LEU B 191 16.21 23.47 6.24
CA LEU B 191 15.55 22.43 7.03
C LEU B 191 16.26 21.11 6.77
N HIS B 192 17.00 20.64 7.77
CA HIS B 192 17.62 19.33 7.69
C HIS B 192 16.56 18.23 7.74
N TYR B 193 16.84 17.10 7.07
CA TYR B 193 15.88 16.00 7.09
C TYR B 193 15.65 15.46 8.51
N LYS B 194 16.69 15.44 9.34
CA LYS B 194 16.53 14.88 10.68
C LYS B 194 15.62 15.74 11.54
N GLU B 195 15.79 17.08 11.48
CA GLU B 195 14.88 17.97 12.18
C GLU B 195 13.44 17.78 11.69
N PHE B 196 13.27 17.54 10.39
CA PHE B 196 11.95 17.31 9.82
C PHE B 196 11.33 16.01 10.34
N ARG B 197 12.11 14.94 10.36
CA ARG B 197 11.59 13.67 10.87
C ARG B 197 11.21 13.78 12.33
N ARG B 198 12.02 14.51 13.11
CA ARG B 198 11.75 14.60 14.54
C ARG B 198 10.55 15.50 14.82
N PHE B 199 10.34 16.52 13.99
CA PHE B 199 9.07 17.24 13.99
C PHE B 199 7.90 16.31 13.77
N MET B 200 7.98 15.46 12.75
CA MET B 200 6.88 14.55 12.48
C MET B 200 6.56 13.67 13.69
N GLU B 201 7.59 13.12 14.32
CA GLU B 201 7.39 12.35 15.54
C GLU B 201 6.73 13.18 16.64
N ASN B 202 7.30 14.35 16.94
CA ASN B 202 6.71 15.21 17.96
C ASN B 202 5.25 15.51 17.64
N LEU B 203 4.91 15.66 16.37
CA LEU B 203 3.55 16.05 16.03
C LEU B 203 2.57 14.92 16.32
N GLN B 204 2.93 13.70 15.91
CA GLN B 204 2.13 12.53 16.30
C GLN B 204 1.94 12.48 17.82
N THR B 205 3.03 12.67 18.57
CA THR B 205 2.96 12.57 20.02
C THR B 205 2.04 13.64 20.61
N GLU B 206 2.15 14.86 20.10
CA GLU B 206 1.30 15.94 20.57
C GLU B 206 -0.17 15.65 20.30
N VAL B 207 -0.48 15.11 19.13
CA VAL B 207 -1.88 14.84 18.85
C VAL B 207 -2.42 13.76 19.79
N GLN B 208 -1.64 12.70 20.03
CA GLN B 208 -2.04 11.72 21.02
C GLN B 208 -2.29 12.35 22.40
N GLU B 209 -1.36 13.17 22.88
CA GLU B 209 -1.48 13.72 24.23
C GLU B 209 -2.66 14.71 24.34
N MET B 210 -2.90 15.47 23.29
CA MET B 210 -4.01 16.41 23.29
C MET B 210 -5.35 15.69 23.27
N GLU B 211 -5.49 14.67 22.39
CA GLU B 211 -6.71 13.86 22.39
C GLU B 211 -6.97 13.26 23.75
N PHE B 212 -5.94 12.66 24.34
CA PHE B 212 -6.11 12.13 25.68
C PHE B 212 -6.69 13.18 26.62
N LEU B 213 -6.14 14.41 26.62
CA LEU B 213 -6.68 15.45 27.49
C LEU B 213 -8.14 15.77 27.17
N GLN B 214 -8.51 15.84 25.89
CA GLN B 214 -9.90 16.16 25.54
C GLN B 214 -10.87 15.10 26.05
N PHE B 215 -10.47 13.83 25.98
CA PHE B 215 -11.38 12.76 26.40
C PHE B 215 -11.24 12.40 27.88
N SER B 216 -10.13 12.73 28.51
CA SER B 216 -9.99 12.52 29.93
C SER B 216 -10.50 13.73 30.70
N LYS B 217 -10.96 14.76 30.00
CA LYS B 217 -11.47 15.98 30.60
C LYS B 217 -10.47 16.60 31.57
N GLY B 218 -9.20 16.52 31.19
CA GLY B 218 -8.12 17.20 31.88
C GLY B 218 -7.33 16.34 32.84
N LEU B 219 -7.82 15.13 33.15
CA LEU B 219 -7.25 14.31 34.21
C LEU B 219 -6.24 13.32 33.62
N ASN B 220 -5.52 12.66 34.51
CA ASN B 220 -4.54 11.66 34.10
C ASN B 220 -5.12 10.25 34.04
N PHE B 221 -6.43 10.13 33.92
CA PHE B 221 -7.06 8.85 33.61
C PHE B 221 -8.23 9.13 32.71
N MET B 222 -8.53 8.18 31.83
CA MET B 222 -9.63 8.31 30.90
C MET B 222 -10.61 7.17 31.15
N ARG B 223 -11.85 7.53 31.47
CA ARG B 223 -12.89 6.51 31.64
C ARG B 223 -12.95 5.62 30.40
N LYS B 224 -13.18 4.33 30.61
CA LYS B 224 -13.28 3.43 29.47
C LYS B 224 -14.47 3.77 28.58
N GLU B 225 -15.53 4.33 29.15
CA GLU B 225 -16.61 4.86 28.33
C GLU B 225 -16.12 5.94 27.38
N ASP B 226 -15.19 6.77 27.85
CA ASP B 226 -14.74 7.88 27.01
C ASP B 226 -13.70 7.40 26.00
N PHE B 227 -12.87 6.42 26.38
CA PHE B 227 -12.03 5.76 25.39
C PHE B 227 -12.87 5.16 24.27
N ALA B 228 -14.01 4.54 24.62
CA ALA B 228 -14.93 4.02 23.61
C ALA B 228 -15.55 5.14 22.79
N GLU B 229 -15.82 6.27 23.42
CA GLU B 229 -16.31 7.43 22.67
C GLU B 229 -15.28 7.87 21.63
N TRP B 230 -14.01 7.85 22.01
CA TRP B 230 -12.95 8.26 21.11
C TRP B 230 -12.81 7.25 19.98
N LEU B 231 -12.85 5.96 20.33
CA LEU B 231 -12.61 4.89 19.39
C LEU B 231 -13.67 4.87 18.30
N LEU B 232 -14.92 5.11 18.69
CA LEU B 232 -16.03 5.13 17.76
C LEU B 232 -16.24 6.50 17.16
N PHE B 233 -15.33 7.43 17.37
CA PHE B 233 -15.68 8.83 17.12
C PHE B 233 -15.88 9.13 15.64
N PHE B 234 -15.21 8.41 14.75
CA PHE B 234 -15.35 8.64 13.32
C PHE B 234 -16.10 7.50 12.62
N THR B 235 -16.91 6.76 13.37
CA THR B 235 -17.78 5.72 12.88
C THR B 235 -19.22 6.20 12.97
N ASN B 236 -20.04 5.90 11.95
CA ASN B 236 -21.35 6.55 11.83
C ASN B 236 -22.39 5.98 12.79
N THR B 237 -23.37 5.23 12.28
CA THR B 237 -24.33 4.50 13.13
C THR B 237 -24.74 3.26 12.36
N GLU B 238 -24.20 2.13 12.79
CA GLU B 238 -24.32 0.87 12.08
C GLU B 238 -24.95 -0.15 13.03
N ASN B 239 -24.06 -0.74 13.80
CA ASN B 239 -24.37 -1.43 15.04
C ASN B 239 -23.82 -0.64 16.22
N LYS B 240 -24.02 0.68 16.15
CA LYS B 240 -23.57 1.56 17.22
C LYS B 240 -24.23 1.22 18.54
N ASP B 241 -25.54 0.93 18.51
CA ASP B 241 -26.25 0.65 19.75
C ASP B 241 -25.67 -0.57 20.45
N ILE B 242 -25.20 -1.56 19.70
CA ILE B 242 -24.59 -2.75 20.28
C ILE B 242 -23.29 -2.39 20.99
N TYR B 243 -22.44 -1.59 20.33
CA TYR B 243 -21.23 -1.09 20.96
C TYR B 243 -21.55 -0.43 22.30
N TRP B 244 -22.57 0.43 22.32
CA TRP B 244 -22.81 1.17 23.54
C TRP B 244 -23.46 0.32 24.61
N ARG B 245 -24.38 -0.57 24.23
CA ARG B 245 -24.93 -1.55 25.16
C ARG B 245 -23.81 -2.41 25.75
N ASN B 246 -22.82 -2.79 24.93
CA ASN B 246 -21.67 -3.50 25.44
C ASN B 246 -20.89 -2.66 26.45
N VAL B 247 -20.65 -1.39 26.11
CA VAL B 247 -19.90 -0.51 27.01
C VAL B 247 -20.60 -0.46 28.36
N ARG B 248 -21.93 -0.29 28.34
CA ARG B 248 -22.70 -0.16 29.57
C ARG B 248 -22.73 -1.44 30.38
N GLU B 249 -22.96 -2.58 29.72
CA GLU B 249 -23.23 -3.83 30.41
C GLU B 249 -21.97 -4.63 30.75
N LYS B 250 -20.96 -4.59 29.89
CA LYS B 250 -19.78 -5.43 30.08
C LYS B 250 -18.73 -4.78 30.94
N LEU B 251 -18.78 -3.46 31.11
CA LEU B 251 -17.78 -2.75 31.90
C LEU B 251 -18.35 -2.44 33.28
N SER B 252 -17.49 -2.50 34.28
CA SER B 252 -17.89 -2.09 35.62
C SER B 252 -17.57 -0.61 35.79
N VAL B 253 -18.29 0.03 36.70
CA VAL B 253 -18.16 1.47 36.85
C VAL B 253 -16.74 1.80 37.32
N GLY B 254 -16.18 2.88 36.77
CA GLY B 254 -14.92 3.38 37.27
C GLY B 254 -13.67 2.76 36.70
N GLU B 255 -13.77 2.04 35.59
CA GLU B 255 -12.58 1.51 34.94
C GLU B 255 -12.00 2.57 34.01
N SER B 256 -10.67 2.66 33.98
CA SER B 256 -10.06 3.71 33.20
C SER B 256 -8.78 3.18 32.56
N ILE B 257 -8.12 4.04 31.79
CA ILE B 257 -6.82 3.72 31.23
C ILE B 257 -5.89 4.92 31.42
N SER B 258 -4.59 4.65 31.44
CA SER B 258 -3.55 5.65 31.60
C SER B 258 -3.22 6.29 30.26
N LEU B 259 -2.33 7.30 30.28
CA LEU B 259 -1.87 7.88 29.02
C LEU B 259 -1.02 6.89 28.23
N ASP B 260 -0.16 6.15 28.94
CA ASP B 260 0.62 5.11 28.29
C ASP B 260 -0.26 4.12 27.55
N GLU B 261 -1.36 3.68 28.18
CA GLU B 261 -2.23 2.70 27.52
C GLU B 261 -2.88 3.30 26.29
N PHE B 262 -3.35 4.54 26.40
CA PHE B 262 -3.93 5.20 25.23
C PHE B 262 -2.90 5.31 24.11
N LYS B 263 -1.65 5.62 24.45
CA LYS B 263 -0.63 5.75 23.40
C LYS B 263 -0.34 4.40 22.76
N SER B 264 -0.21 3.35 23.58
CA SER B 264 -0.01 2.01 23.04
C SER B 264 -1.15 1.63 22.11
N PHE B 265 -2.38 2.07 22.41
CA PHE B 265 -3.44 1.75 21.48
C PHE B 265 -3.37 2.60 20.21
N CYS B 266 -2.90 3.84 20.28
CA CYS B 266 -2.74 4.62 19.05
C CYS B 266 -1.65 4.01 18.15
N HIS B 267 -0.55 3.56 18.76
CA HIS B 267 0.48 2.83 18.03
C HIS B 267 -0.09 1.59 17.36
N PHE B 268 -0.81 0.77 18.14
CA PHE B 268 -1.50 -0.35 17.54
C PHE B 268 -2.33 0.10 16.34
N THR B 269 -3.07 1.19 16.48
CA THR B 269 -3.93 1.63 15.40
C THR B 269 -3.13 1.92 14.13
N THR B 270 -1.90 2.42 14.27
CA THR B 270 -1.09 2.64 13.07
C THR B 270 -0.61 1.33 12.46
N HIS B 271 -0.54 0.25 13.22
CA HIS B 271 -0.21 -1.05 12.62
C HIS B 271 -1.44 -1.87 12.25
N LEU B 272 -2.50 -1.24 11.76
CA LEU B 272 -3.72 -1.98 11.52
C LEU B 272 -3.61 -2.90 10.32
N GLU B 273 -2.70 -2.63 9.38
CA GLU B 273 -2.59 -3.52 8.23
C GLU B 273 -1.89 -4.83 8.61
N ASP B 274 -0.86 -4.75 9.45
CA ASP B 274 -0.30 -5.95 10.04
C ASP B 274 -1.38 -6.73 10.77
N PHE B 275 -2.15 -6.03 11.63
CA PHE B 275 -3.24 -6.69 12.33
C PHE B 275 -4.21 -7.34 11.36
N ALA B 276 -4.51 -6.67 10.25
CA ALA B 276 -5.41 -7.21 9.24
C ALA B 276 -4.91 -8.53 8.67
N ILE B 277 -3.61 -8.61 8.38
CA ILE B 277 -3.06 -9.88 7.89
C ILE B 277 -3.26 -10.98 8.93
N ALA B 278 -2.99 -10.66 10.19
CA ALA B 278 -3.17 -11.66 11.25
C ALA B 278 -4.61 -12.14 11.33
N MET B 279 -5.57 -11.22 11.16
CA MET B 279 -6.97 -11.63 11.19
C MET B 279 -7.35 -12.45 9.95
N GLN B 280 -6.76 -12.12 8.80
CA GLN B 280 -7.16 -12.83 7.61
C GLN B 280 -6.66 -14.27 7.65
N MET B 281 -5.56 -14.53 8.37
CA MET B 281 -5.19 -15.91 8.58
C MET B 281 -6.30 -16.71 9.30
N PHE B 282 -6.84 -16.15 10.40
CA PHE B 282 -7.97 -16.80 11.07
C PHE B 282 -9.14 -16.96 10.12
N SER B 283 -9.48 -15.87 9.41
CA SER B 283 -10.60 -15.87 8.48
C SER B 283 -10.46 -16.96 7.40
N LEU B 284 -9.22 -17.25 6.99
CA LEU B 284 -8.98 -18.31 6.02
C LEU B 284 -8.91 -19.67 6.68
N ALA B 285 -8.69 -19.73 8.00
CA ALA B 285 -8.78 -20.98 8.73
C ALA B 285 -10.22 -21.28 9.16
N HIS B 286 -11.16 -20.41 8.80
CA HIS B 286 -12.55 -20.54 9.23
C HIS B 286 -12.64 -20.72 10.74
N ARG B 287 -11.84 -19.93 11.46
CA ARG B 287 -11.68 -20.04 12.90
C ARG B 287 -11.94 -18.71 13.60
N PRO B 288 -12.53 -18.74 14.79
CA PRO B 288 -12.90 -17.51 15.49
C PRO B 288 -11.75 -16.96 16.31
N VAL B 289 -11.80 -15.64 16.52
CA VAL B 289 -10.77 -14.94 17.27
C VAL B 289 -11.27 -14.82 18.70
N ARG B 290 -10.72 -15.65 19.58
CA ARG B 290 -11.01 -15.55 21.00
C ARG B 290 -9.96 -14.65 21.66
N LEU B 291 -10.09 -14.46 22.97
CA LEU B 291 -9.29 -13.43 23.64
C LEU B 291 -7.79 -13.69 23.52
N ALA B 292 -7.37 -14.94 23.71
CA ALA B 292 -5.95 -15.26 23.63
C ALA B 292 -5.42 -15.00 22.23
N GLU B 293 -6.18 -15.40 21.19
CA GLU B 293 -5.74 -15.15 19.83
C GLU B 293 -5.73 -13.67 19.52
N PHE B 294 -6.66 -12.91 20.11
CA PHE B 294 -6.63 -11.46 19.96
C PHE B 294 -5.34 -10.89 20.52
N LYS B 295 -4.96 -11.29 21.73
CA LYS B 295 -3.76 -10.70 22.32
C LYS B 295 -2.53 -11.10 21.54
N ARG B 296 -2.47 -12.34 21.03
CA ARG B 296 -1.32 -12.74 20.24
C ARG B 296 -1.24 -11.97 18.93
N ALA B 297 -2.38 -11.78 18.26
CA ALA B 297 -2.40 -10.99 17.05
C ALA B 297 -1.93 -9.56 17.31
N VAL B 298 -2.38 -8.96 18.42
CA VAL B 298 -1.98 -7.58 18.72
C VAL B 298 -0.48 -7.52 18.99
N LYS B 299 0.04 -8.47 19.76
CA LYS B 299 1.47 -8.47 20.07
C LYS B 299 2.31 -8.63 18.81
N VAL B 300 1.86 -9.46 17.87
CA VAL B 300 2.63 -9.70 16.65
C VAL B 300 2.52 -8.53 15.69
N ALA B 301 1.36 -7.85 15.64
CA ALA B 301 1.21 -6.66 14.80
C ALA B 301 1.91 -5.45 15.38
N THR B 302 2.20 -5.45 16.67
CA THR B 302 2.80 -4.30 17.34
C THR B 302 4.25 -4.52 17.72
N GLY B 303 4.64 -5.74 18.08
CA GLY B 303 5.90 -5.98 18.74
C GLY B 303 5.98 -5.33 20.10
N GLN B 304 4.84 -4.92 20.65
CA GLN B 304 4.80 -4.36 22.00
C GLN B 304 3.73 -5.09 22.81
N GLU B 305 3.79 -4.86 24.12
CA GLU B 305 2.96 -5.59 25.08
C GLU B 305 1.85 -4.65 25.56
N LEU B 306 0.65 -4.79 25.00
CA LEU B 306 -0.47 -3.97 25.43
C LEU B 306 -1.10 -4.61 26.66
N SER B 307 -1.57 -3.76 27.59
CA SER B 307 -2.03 -4.23 28.88
C SER B 307 -3.32 -5.04 28.75
N ASP B 308 -3.50 -6.02 29.64
CA ASP B 308 -4.79 -6.71 29.74
C ASP B 308 -5.92 -5.73 30.02
N ASN B 309 -5.66 -4.69 30.83
CA ASN B 309 -6.69 -3.69 31.13
C ASN B 309 -7.27 -3.08 29.85
N LEU B 310 -6.40 -2.75 28.89
CA LEU B 310 -6.87 -2.17 27.63
C LEU B 310 -7.47 -3.23 26.72
N LEU B 311 -6.78 -4.37 26.54
CA LEU B 311 -7.19 -5.30 25.51
C LEU B 311 -8.49 -6.02 25.87
N ASP B 312 -8.68 -6.36 27.15
CA ASP B 312 -9.93 -7.00 27.57
C ASP B 312 -11.12 -6.08 27.32
N THR B 313 -10.94 -4.79 27.55
CA THR B 313 -11.99 -3.83 27.26
C THR B 313 -12.28 -3.76 25.77
N VAL B 314 -11.23 -3.68 24.95
CA VAL B 314 -11.43 -3.63 23.50
C VAL B 314 -12.16 -4.87 23.00
N PHE B 315 -11.71 -6.04 23.46
CA PHE B 315 -12.36 -7.30 23.10
C PHE B 315 -13.84 -7.26 23.45
N LYS B 316 -14.15 -7.07 24.75
CA LYS B 316 -15.53 -7.02 25.22
C LYS B 316 -16.37 -6.06 24.41
N ILE B 317 -15.82 -4.92 24.00
CA ILE B 317 -16.62 -3.98 23.23
C ILE B 317 -16.96 -4.55 21.87
N PHE B 318 -15.97 -5.10 21.15
CA PHE B 318 -16.22 -5.54 19.78
C PHE B 318 -16.62 -7.01 19.68
N ASP B 319 -16.95 -7.63 20.80
CA ASP B 319 -17.60 -8.95 20.83
C ASP B 319 -19.09 -8.73 20.54
N LEU B 320 -19.40 -8.41 19.28
CA LEU B 320 -20.73 -7.94 18.92
C LEU B 320 -21.83 -8.97 19.20
N ASP B 321 -21.57 -10.25 18.92
CA ASP B 321 -22.62 -11.27 18.99
C ASP B 321 -22.73 -11.92 20.36
N GLY B 322 -21.86 -11.61 21.30
CA GLY B 322 -22.01 -12.19 22.60
C GLY B 322 -21.51 -13.61 22.73
N ASP B 323 -20.86 -14.14 21.69
CA ASP B 323 -20.00 -15.30 21.89
C ASP B 323 -18.82 -14.83 22.74
N GLU B 324 -17.72 -15.54 22.75
CA GLU B 324 -16.51 -14.94 23.29
C GLU B 324 -15.50 -14.79 22.15
N CYS B 325 -16.01 -14.36 21.01
CA CYS B 325 -15.26 -14.20 19.77
C CYS B 325 -15.37 -12.76 19.29
N LEU B 326 -14.26 -12.29 18.73
CA LEU B 326 -14.09 -10.91 18.32
C LEU B 326 -14.67 -10.70 16.93
N SER B 327 -15.58 -9.74 16.80
CA SER B 327 -16.10 -9.36 15.48
C SER B 327 -15.06 -8.49 14.78
N HIS B 328 -14.06 -9.18 14.21
CA HIS B 328 -12.84 -8.46 13.82
C HIS B 328 -12.96 -7.74 12.50
N GLY B 329 -13.92 -8.08 11.65
CA GLY B 329 -14.17 -7.25 10.48
C GLY B 329 -14.62 -5.85 10.85
N GLU B 330 -15.62 -5.76 11.72
CA GLU B 330 -16.12 -4.45 12.13
C GLU B 330 -15.08 -3.69 12.94
N PHE B 331 -14.30 -4.41 13.75
CA PHE B 331 -13.22 -3.78 14.51
C PHE B 331 -12.18 -3.16 13.57
N LEU B 332 -11.71 -3.93 12.58
CA LEU B 332 -10.74 -3.38 11.64
C LEU B 332 -11.31 -2.18 10.88
N GLY B 333 -12.59 -2.23 10.53
CA GLY B 333 -13.23 -1.04 9.97
C GLY B 333 -13.14 0.18 10.89
N VAL B 334 -13.35 -0.03 12.19
CA VAL B 334 -13.28 1.10 13.12
C VAL B 334 -11.86 1.64 13.21
N LEU B 335 -10.87 0.75 13.25
CA LEU B 335 -9.48 1.20 13.28
C LEU B 335 -9.16 2.07 12.07
N LYS B 336 -9.60 1.67 10.87
CA LYS B 336 -9.35 2.51 9.70
C LYS B 336 -10.08 3.86 9.83
N ASN B 337 -11.33 3.84 10.30
CA ASN B 337 -12.05 5.08 10.62
C ASN B 337 -11.21 6.01 11.47
N ARG B 338 -10.72 5.49 12.59
CA ARG B 338 -9.91 6.23 13.56
C ARG B 338 -8.66 6.80 12.90
N MET B 339 -7.96 5.98 12.11
CA MET B 339 -6.74 6.44 11.43
C MET B 339 -7.03 7.60 10.49
N HIS B 340 -8.17 7.56 9.80
CA HIS B 340 -8.42 8.55 8.76
C HIS B 340 -9.15 9.81 9.25
N ARG B 341 -9.67 9.82 10.48
CA ARG B 341 -10.21 11.03 11.10
C ARG B 341 -11.26 11.71 10.22
N GLY B 342 -11.97 10.93 9.40
CA GLY B 342 -13.02 11.50 8.59
C GLY B 342 -12.54 12.34 7.43
N LEU B 343 -11.26 12.30 7.09
CA LEU B 343 -10.69 13.26 6.17
C LEU B 343 -10.38 12.65 4.83
N TRP B 344 -10.59 11.36 4.68
CA TRP B 344 -10.19 10.64 3.49
C TRP B 344 -11.28 9.63 3.16
N VAL B 345 -11.49 9.38 1.87
CA VAL B 345 -12.70 8.73 1.41
C VAL B 345 -12.57 7.21 1.40
N SER B 346 -11.46 6.69 0.84
CA SER B 346 -11.11 5.26 0.79
C SER B 346 -11.77 4.52 -0.38
N GLN B 347 -11.15 3.42 -0.81
CA GLN B 347 -11.58 2.68 -1.99
C GLN B 347 -13.02 2.18 -1.87
N GLN B 348 -13.30 1.43 -0.80
CA GLN B 348 -14.62 0.80 -0.66
C GLN B 348 -15.74 1.83 -0.63
N GLN B 349 -15.57 2.92 0.11
CA GLN B 349 -16.60 3.95 0.10
C GLN B 349 -16.73 4.60 -1.27
N SER B 350 -15.64 4.67 -2.02
CA SER B 350 -15.70 5.25 -3.35
C SER B 350 -16.58 4.42 -4.27
N VAL B 351 -16.42 3.09 -4.24
CA VAL B 351 -17.26 2.24 -5.08
C VAL B 351 -18.71 2.27 -4.57
N GLN B 352 -18.91 2.27 -3.25
CA GLN B 352 -20.26 2.23 -2.71
C GLN B 352 -21.00 3.55 -2.91
N GLU B 353 -20.28 4.63 -3.22
CA GLU B 353 -20.94 5.85 -3.65
C GLU B 353 -21.15 5.89 -5.15
N TYR B 354 -20.20 5.34 -5.91
CA TYR B 354 -20.39 5.19 -7.35
C TYR B 354 -21.68 4.44 -7.64
N TRP B 355 -21.97 3.41 -6.85
CA TRP B 355 -23.17 2.61 -7.10
C TRP B 355 -24.44 3.33 -6.70
N LYS B 356 -24.39 4.17 -5.65
CA LYS B 356 -25.57 4.98 -5.32
C LYS B 356 -25.82 6.04 -6.39
N CYS B 357 -24.77 6.58 -7.00
CA CYS B 357 -24.93 7.45 -8.16
C CYS B 357 -25.50 6.70 -9.35
N VAL B 358 -25.06 5.44 -9.56
CA VAL B 358 -25.62 4.61 -10.64
C VAL B 358 -27.10 4.35 -10.40
N LYS B 359 -27.49 4.02 -9.16
CA LYS B 359 -28.90 3.81 -8.84
C LYS B 359 -29.71 5.08 -9.05
N LYS B 360 -29.16 6.24 -8.67
CA LYS B 360 -29.84 7.52 -8.88
C LYS B 360 -30.08 7.78 -10.37
N GLU B 361 -29.02 7.68 -11.19
CA GLU B 361 -29.16 7.91 -12.61
C GLU B 361 -30.01 6.85 -13.30
N SER B 362 -30.09 5.63 -12.75
CA SER B 362 -30.94 4.59 -13.34
C SER B 362 -32.41 4.87 -13.09
N ILE B 363 -32.77 5.26 -11.87
CA ILE B 363 -34.16 5.70 -11.62
C ILE B 363 -34.50 6.89 -12.52
N LYS B 364 -33.56 7.84 -12.68
CA LYS B 364 -33.77 8.93 -13.62
C LYS B 364 -33.96 8.41 -15.05
N GLY B 365 -33.23 7.35 -15.41
CA GLY B 365 -33.30 6.84 -16.77
C GLY B 365 -34.62 6.16 -17.08
N VAL B 366 -35.13 5.35 -16.13
CA VAL B 366 -36.43 4.70 -16.38
C VAL B 366 -37.54 5.74 -16.35
N LYS B 367 -37.43 6.77 -15.47
CA LYS B 367 -38.46 7.80 -15.46
C LYS B 367 -38.41 8.65 -16.72
N GLU B 368 -37.25 8.76 -17.36
CA GLU B 368 -37.19 9.42 -18.67
C GLU B 368 -37.81 8.55 -19.75
N ALA B 369 -37.28 7.34 -19.94
CA ALA B 369 -37.73 6.49 -21.04
C ALA B 369 -39.20 6.10 -20.93
N TRP B 370 -39.78 6.14 -19.73
CA TRP B 370 -41.22 5.99 -19.62
C TRP B 370 -41.96 7.16 -20.28
N ARG B 371 -41.50 8.39 -20.02
CA ARG B 371 -42.06 9.56 -20.68
C ARG B 371 -41.86 9.54 -22.19
N GLN B 372 -41.07 8.60 -22.71
CA GLN B 372 -40.92 8.40 -24.15
C GLN B 372 -41.99 7.49 -24.73
N GLN B 373 -43.13 7.33 -24.06
CA GLN B 373 -44.25 6.61 -24.63
C GLN B 373 -45.50 7.47 -24.54
N ALA B 374 -45.60 8.27 -23.48
CA ALA B 374 -46.79 9.08 -23.21
C ALA B 374 -46.51 10.16 -22.17
#